data_7WO7
#
_entry.id   7WO7
#
_cell.length_a   1.00
_cell.length_b   1.00
_cell.length_c   1.00
_cell.angle_alpha   90.00
_cell.angle_beta   90.00
_cell.angle_gamma   90.00
#
_symmetry.space_group_name_H-M   'P 1'
#
loop_
_entity.id
_entity.type
_entity.pdbx_description
1 polymer 'mAb15 VH'
2 polymer 'mAb15 VL'
3 polymer 'Spike protein S1'
4 non-polymer 2-acetamido-2-deoxy-beta-D-glucopyranose
#
loop_
_entity_poly.entity_id
_entity_poly.type
_entity_poly.pdbx_seq_one_letter_code
_entity_poly.pdbx_strand_id
1 'polypeptide(L)'
;EVQLVQSGGGLVQPGGSLRLSCAASGFTFSSYWMSWVRQAPGKGLEWVANINQDGGEKYYVDSVKGRFTISRDNAKNSLF
LQMNSVRAEDTAVYFCARVWYYYGPRDYWGQGTLVTVSSASTKGPSVFPLAPSSKSTSGGTAALGCLVKDYFPEPVTVSW
NSGALTSGVHTFPAVLQSSGLYSLSSVVTVPSSSLGTQTYICNVNHKPSNTKVDKRVEPKSCDKT
;
A
2 'polypeptide(L)'
;DIVMTQPHSVSESPGKTVTISCTRSSGSIASNYVQWYQQRPGSSPTTVIYEDNQRPSGVPDRFSGSIDSSSNSASLTISG
LKTEDEADYYCQSYDGSNHNVVFGGGTELTVLSQPKAAPSVTLFPPSSEELQANKATLVCLISDFYPGAVTVAWKADSSP
VKAGVETTTPSKQSNNKYAASSYLSLTPEQWKSHRSYSCQVTHEGSTVEKTVAPTECS
;
B
3 'polypeptide(L)'
;NLCPFGEVFNATRFASVYAWNRKRISNCVADYSVLYNSASFSTFKCYGVSPTKLNDLCFTNVYADSFVIRGDEVRQIAPG
QTGKIADYNYKLPDDFTGCVIAWNSNNLDSKVGGNYNYLYRLFRKSNLKPFERDISTEIYQAGSTPCNGVEGFNCYFPLQ
SYGFQPTNGVGYQPYRVVVLSFELLHAPATVCGP
;
C
#
loop_
_chem_comp.id
_chem_comp.type
_chem_comp.name
_chem_comp.formula
NAG D-saccharide, beta linking 2-acetamido-2-deoxy-beta-D-glucopyranose 'C8 H15 N O6'
#
# COMPACT_ATOMS: atom_id res chain seq x y z
N GLU A 1 16.25 -20.55 3.37
CA GLU A 1 16.82 -20.98 2.10
C GLU A 1 16.92 -19.80 1.15
N VAL A 2 15.76 -19.29 0.73
CA VAL A 2 15.71 -18.13 -0.16
C VAL A 2 16.22 -16.91 0.57
N GLN A 3 17.20 -16.22 -0.01
CA GLN A 3 17.79 -15.04 0.60
C GLN A 3 18.17 -14.05 -0.50
N LEU A 4 17.86 -12.79 -0.29
CA LEU A 4 18.13 -11.72 -1.24
C LEU A 4 18.95 -10.63 -0.56
N VAL A 5 19.98 -10.14 -1.24
CA VAL A 5 20.84 -9.09 -0.73
C VAL A 5 20.79 -7.91 -1.69
N GLN A 6 20.68 -6.71 -1.15
CA GLN A 6 20.67 -5.49 -1.95
C GLN A 6 21.92 -4.67 -1.72
N SER A 7 22.27 -3.85 -2.69
CA SER A 7 23.46 -3.01 -2.62
C SER A 7 23.30 -1.85 -3.58
N GLY A 8 23.82 -0.68 -3.19
CA GLY A 8 23.76 0.49 -4.03
C GLY A 8 23.11 1.68 -3.36
N GLY A 9 22.90 1.59 -2.05
CA GLY A 9 22.28 2.69 -1.34
C GLY A 9 23.25 3.86 -1.18
N GLY A 10 22.73 5.07 -1.35
CA GLY A 10 23.54 6.25 -1.25
C GLY A 10 22.70 7.50 -1.19
N LEU A 11 23.29 8.60 -1.68
CA LEU A 11 22.63 9.89 -1.69
C LEU A 11 23.14 10.70 -2.88
N VAL A 12 22.22 11.11 -3.74
CA VAL A 12 22.58 11.89 -4.92
C VAL A 12 21.72 13.15 -4.99
N GLN A 13 21.91 13.93 -6.04
CA GLN A 13 21.16 15.15 -6.30
C GLN A 13 20.21 14.92 -7.47
N PRO A 14 19.16 15.74 -7.60
CA PRO A 14 18.24 15.59 -8.75
C PRO A 14 18.96 15.68 -10.08
N GLY A 15 18.94 14.60 -10.85
CA GLY A 15 19.64 14.54 -12.11
C GLY A 15 20.63 13.39 -12.19
N GLY A 16 21.29 13.11 -11.07
CA GLY A 16 22.25 12.02 -11.02
C GLY A 16 21.59 10.66 -10.92
N SER A 17 22.00 9.73 -11.79
CA SER A 17 21.45 8.39 -11.81
C SER A 17 22.15 7.49 -10.80
N LEU A 18 21.53 6.35 -10.51
CA LEU A 18 22.06 5.38 -9.56
C LEU A 18 21.90 3.98 -10.14
N ARG A 19 22.42 3.00 -9.40
CA ARG A 19 22.29 1.60 -9.73
C ARG A 19 21.96 0.81 -8.47
N LEU A 20 20.90 0.00 -8.54
CA LEU A 20 20.49 -0.87 -7.45
C LEU A 20 20.56 -2.32 -7.91
N SER A 21 21.01 -3.19 -7.03
CA SER A 21 21.22 -4.60 -7.36
C SER A 21 20.49 -5.48 -6.36
N CYS A 22 20.21 -6.71 -6.79
CA CYS A 22 19.53 -7.68 -5.94
C CYS A 22 19.91 -9.08 -6.44
N ALA A 23 20.72 -9.79 -5.67
CA ALA A 23 21.22 -11.10 -6.05
C ALA A 23 20.42 -12.19 -5.36
N ALA A 24 19.91 -13.14 -6.16
CA ALA A 24 19.15 -14.25 -5.63
C ALA A 24 20.07 -15.44 -5.40
N SER A 25 19.71 -16.31 -4.45
CA SER A 25 20.53 -17.47 -4.14
C SER A 25 19.70 -18.56 -3.47
N GLY A 26 19.48 -19.66 -4.18
CA GLY A 26 18.79 -20.80 -3.60
C GLY A 26 17.68 -21.38 -4.44
N PHE A 27 17.53 -20.90 -5.67
CA PHE A 27 16.50 -21.41 -6.57
C PHE A 27 16.92 -21.10 -8.01
N THR A 28 16.00 -21.29 -8.95
CA THR A 28 16.25 -21.05 -10.36
C THR A 28 15.84 -19.62 -10.69
N PHE A 29 16.75 -18.86 -11.28
CA PHE A 29 16.50 -17.47 -11.64
C PHE A 29 15.78 -17.33 -12.98
N SER A 30 15.33 -18.43 -13.58
CA SER A 30 14.65 -18.41 -14.87
C SER A 30 13.26 -19.03 -14.76
N SER A 31 12.67 -18.98 -13.56
CA SER A 31 11.34 -19.58 -13.40
C SER A 31 10.40 -18.74 -12.54
N TYR A 32 10.71 -17.47 -12.27
CA TYR A 32 9.84 -16.66 -11.41
C TYR A 32 9.93 -15.21 -11.89
N TRP A 33 8.80 -14.52 -11.89
CA TRP A 33 8.78 -13.10 -12.25
C TRP A 33 9.42 -12.28 -11.14
N MET A 34 10.05 -11.17 -11.53
CA MET A 34 10.70 -10.26 -10.58
C MET A 34 10.01 -8.91 -10.61
N SER A 35 10.06 -8.21 -9.48
CA SER A 35 9.40 -6.92 -9.35
C SER A 35 10.15 -6.07 -8.34
N TRP A 36 9.83 -4.77 -8.34
CA TRP A 36 10.41 -3.82 -7.41
C TRP A 36 9.30 -3.02 -6.75
N VAL A 37 9.45 -2.76 -5.46
CA VAL A 37 8.48 -1.99 -4.68
C VAL A 37 9.23 -1.08 -3.73
N ARG A 38 8.94 0.22 -3.79
CA ARG A 38 9.55 1.20 -2.91
C ARG A 38 8.55 1.62 -1.84
N GLN A 39 9.09 2.15 -0.74
CA GLN A 39 8.28 2.56 0.41
C GLN A 39 8.70 3.95 0.83
N ALA A 40 7.83 4.92 0.63
CA ALA A 40 8.09 6.28 1.11
C ALA A 40 8.18 6.27 2.64
N PRO A 41 8.98 7.16 3.22
CA PRO A 41 9.13 7.18 4.68
C PRO A 41 7.82 7.53 5.37
N GLY A 42 7.26 6.57 6.10
CA GLY A 42 6.01 6.73 6.81
C GLY A 42 4.77 6.44 5.99
N LYS A 43 4.89 6.42 4.67
CA LYS A 43 3.75 6.18 3.80
C LYS A 43 3.62 4.70 3.46
N GLY A 44 2.76 4.37 2.50
CA GLY A 44 2.55 3.00 2.09
C GLY A 44 3.44 2.56 0.95
N LEU A 45 3.34 1.28 0.58
CA LEU A 45 4.18 0.74 -0.47
C LEU A 45 3.73 1.26 -1.83
N GLU A 46 4.59 1.10 -2.84
CA GLU A 46 4.32 1.55 -4.19
C GLU A 46 4.90 0.56 -5.19
N TRP A 47 4.08 0.09 -6.11
CA TRP A 47 4.54 -0.78 -7.17
C TRP A 47 5.36 -0.01 -8.20
N VAL A 48 6.34 -0.68 -8.79
CA VAL A 48 7.24 -0.01 -9.73
C VAL A 48 7.18 -0.69 -11.10
N ALA A 49 7.56 -1.96 -11.16
CA ALA A 49 7.64 -2.66 -12.45
C ALA A 49 7.60 -4.16 -12.22
N ASN A 50 7.51 -4.91 -13.32
CA ASN A 50 7.52 -6.36 -13.28
C ASN A 50 8.13 -6.86 -14.58
N ILE A 51 9.16 -7.70 -14.48
CA ILE A 51 9.89 -8.17 -15.64
C ILE A 51 9.48 -9.61 -15.94
N ASN A 52 9.62 -9.99 -17.21
CA ASN A 52 9.24 -11.32 -17.67
C ASN A 52 10.29 -12.35 -17.25
N GLN A 53 10.09 -13.61 -17.65
CA GLN A 53 11.02 -14.68 -17.35
C GLN A 53 12.40 -14.47 -17.97
N ASP A 54 12.49 -13.74 -19.09
CA ASP A 54 13.76 -13.51 -19.74
C ASP A 54 14.09 -12.02 -19.82
N GLY A 55 13.07 -11.20 -20.09
CA GLY A 55 13.27 -9.76 -20.17
C GLY A 55 12.52 -9.12 -21.31
N GLY A 56 11.82 -9.93 -22.10
CA GLY A 56 11.08 -9.43 -23.24
C GLY A 56 9.94 -8.52 -22.87
N GLU A 57 8.93 -9.06 -22.18
CA GLU A 57 7.78 -8.25 -21.81
C GLU A 57 8.02 -7.55 -20.48
N LYS A 58 7.98 -6.23 -20.50
CA LYS A 58 8.16 -5.42 -19.30
C LYS A 58 7.07 -4.36 -19.22
N TYR A 59 6.59 -4.11 -18.01
CA TYR A 59 5.54 -3.13 -17.77
C TYR A 59 5.93 -2.25 -16.60
N TYR A 60 5.88 -0.94 -16.81
CA TYR A 60 6.21 0.04 -15.79
C TYR A 60 4.97 0.84 -15.40
N VAL A 61 4.99 1.35 -14.18
CA VAL A 61 3.89 2.19 -13.71
C VAL A 61 3.95 3.54 -14.41
N ASP A 62 2.78 4.15 -14.62
CA ASP A 62 2.70 5.37 -15.41
C ASP A 62 3.40 6.54 -14.73
N SER A 63 3.61 6.46 -13.41
CA SER A 63 4.25 7.57 -12.70
C SER A 63 5.71 7.73 -13.12
N VAL A 64 6.39 6.64 -13.44
CA VAL A 64 7.80 6.69 -13.83
C VAL A 64 8.02 6.09 -15.22
N LYS A 65 7.03 6.20 -16.11
CA LYS A 65 7.17 5.67 -17.45
C LYS A 65 8.32 6.35 -18.19
N GLY A 66 9.20 5.55 -18.76
CA GLY A 66 10.34 6.05 -19.52
C GLY A 66 11.63 6.21 -18.76
N ARG A 67 11.59 6.91 -17.62
CA ARG A 67 12.79 7.20 -16.85
C ARG A 67 13.14 6.08 -15.87
N PHE A 68 12.56 4.90 -16.03
CA PHE A 68 12.88 3.75 -15.18
C PHE A 68 13.00 2.51 -16.05
N THR A 69 14.06 1.73 -15.80
CA THR A 69 14.35 0.55 -16.60
C THR A 69 14.73 -0.59 -15.67
N ILE A 70 14.00 -1.71 -15.76
CA ILE A 70 14.30 -2.91 -15.00
C ILE A 70 14.92 -3.94 -15.94
N SER A 71 15.92 -4.66 -15.43
CA SER A 71 16.62 -5.65 -16.22
C SER A 71 17.09 -6.79 -15.34
N ARG A 72 17.23 -7.97 -15.94
CA ARG A 72 17.71 -9.15 -15.24
C ARG A 72 18.63 -9.93 -16.16
N ASP A 73 19.49 -10.76 -15.55
CA ASP A 73 20.43 -11.59 -16.30
C ASP A 73 20.51 -12.95 -15.60
N ASN A 74 20.15 -14.01 -16.32
CA ASN A 74 20.18 -15.35 -15.76
C ASN A 74 21.61 -15.84 -15.52
N ALA A 75 22.58 -15.31 -16.26
CA ALA A 75 23.96 -15.77 -16.14
C ALA A 75 24.67 -15.23 -14.91
N LYS A 76 24.01 -14.41 -14.09
CA LYS A 76 24.65 -13.88 -12.89
C LYS A 76 23.77 -14.00 -11.65
N ASN A 77 22.49 -14.34 -11.80
CA ASN A 77 21.56 -14.47 -10.68
C ASN A 77 21.50 -13.18 -9.87
N SER A 78 21.27 -12.07 -10.58
CA SER A 78 21.25 -10.76 -9.94
C SER A 78 20.23 -9.87 -10.67
N LEU A 79 19.41 -9.17 -9.91
CA LEU A 79 18.42 -8.25 -10.46
C LEU A 79 18.98 -6.83 -10.49
N PHE A 80 18.49 -6.05 -11.46
CA PHE A 80 18.99 -4.70 -11.67
C PHE A 80 17.84 -3.76 -11.95
N LEU A 81 17.85 -2.59 -11.31
CA LEU A 81 16.90 -1.51 -11.59
C LEU A 81 17.69 -0.22 -11.78
N GLN A 82 18.10 0.04 -13.00
CA GLN A 82 18.84 1.25 -13.36
C GLN A 82 17.89 2.25 -14.00
N MET A 83 17.86 3.45 -13.44
CA MET A 83 16.93 4.48 -13.90
C MET A 83 17.70 5.78 -14.13
N ASN A 84 16.97 6.82 -14.54
CA ASN A 84 17.56 8.13 -14.79
C ASN A 84 16.50 9.19 -14.52
N SER A 85 16.92 10.46 -14.61
CA SER A 85 16.05 11.60 -14.36
C SER A 85 15.41 11.53 -12.96
N VAL A 86 16.25 11.26 -11.96
CA VAL A 86 15.75 11.15 -10.59
C VAL A 86 15.25 12.50 -10.12
N ARG A 87 14.06 12.50 -9.51
CA ARG A 87 13.45 13.74 -9.03
C ARG A 87 13.07 13.64 -7.56
N ALA A 88 12.32 14.62 -7.06
CA ALA A 88 12.08 14.72 -5.62
C ALA A 88 11.24 13.55 -5.11
N GLU A 89 10.29 13.07 -5.91
CA GLU A 89 9.39 12.02 -5.43
C GLU A 89 10.04 10.64 -5.45
N ASP A 90 11.35 10.56 -5.71
CA ASP A 90 12.04 9.28 -5.70
C ASP A 90 12.74 9.05 -4.37
N THR A 91 12.27 9.71 -3.32
CA THR A 91 12.83 9.55 -1.98
C THR A 91 12.04 8.48 -1.24
N ALA A 92 12.62 7.28 -1.13
CA ALA A 92 11.95 6.15 -0.49
C ALA A 92 13.00 5.08 -0.22
N VAL A 93 12.55 3.97 0.37
CA VAL A 93 13.40 2.82 0.63
C VAL A 93 12.97 1.68 -0.30
N TYR A 94 13.72 1.47 -1.37
CA TYR A 94 13.38 0.46 -2.35
C TYR A 94 13.59 -0.94 -1.79
N PHE A 95 12.78 -1.88 -2.28
CA PHE A 95 12.90 -3.29 -1.88
C PHE A 95 13.13 -4.18 -3.09
N CYS A 96 13.17 -5.49 -2.88
CA CYS A 96 13.35 -6.45 -3.95
C CYS A 96 12.49 -7.67 -3.65
N ALA A 97 11.57 -7.96 -4.57
CA ALA A 97 10.62 -9.03 -4.35
C ALA A 97 10.45 -9.84 -5.62
N ARG A 98 10.31 -11.16 -5.46
CA ARG A 98 10.05 -12.07 -6.57
C ARG A 98 8.58 -12.45 -6.56
N VAL A 99 8.07 -12.84 -7.72
CA VAL A 99 6.67 -13.18 -7.90
C VAL A 99 6.55 -14.68 -8.11
N TRP A 100 5.70 -15.33 -7.33
CA TRP A 100 5.44 -16.76 -7.48
C TRP A 100 4.86 -17.03 -8.86
N TYR A 101 3.67 -16.47 -9.11
CA TYR A 101 3.06 -16.45 -10.43
C TYR A 101 2.35 -15.11 -10.61
N TYR A 102 2.23 -14.67 -11.87
CA TYR A 102 1.83 -13.31 -12.19
C TYR A 102 0.61 -12.85 -11.39
N TYR A 103 -0.44 -13.65 -11.35
CA TYR A 103 -1.67 -13.30 -10.60
C TYR A 103 -1.57 -13.85 -9.19
N GLY A 104 -0.46 -13.58 -8.51
CA GLY A 104 -0.21 -14.11 -7.19
C GLY A 104 0.57 -13.16 -6.31
N PRO A 105 0.83 -13.58 -5.07
CA PRO A 105 1.51 -12.70 -4.13
C PRO A 105 3.01 -12.66 -4.36
N ARG A 106 3.67 -11.78 -3.61
CA ARG A 106 5.14 -11.67 -3.63
C ARG A 106 5.66 -12.44 -2.41
N ASP A 107 6.26 -13.59 -2.68
CA ASP A 107 6.70 -14.50 -1.62
C ASP A 107 7.77 -13.88 -0.72
N TYR A 108 8.93 -13.58 -1.29
CA TYR A 108 10.06 -13.12 -0.50
C TYR A 108 10.38 -11.66 -0.80
N TRP A 109 10.98 -10.99 0.18
CA TRP A 109 11.35 -9.59 0.09
C TRP A 109 12.82 -9.42 0.42
N GLY A 110 13.28 -8.16 0.43
CA GLY A 110 14.66 -7.85 0.71
C GLY A 110 14.80 -6.96 1.94
N GLN A 111 16.05 -6.67 2.28
CA GLN A 111 16.35 -5.82 3.42
C GLN A 111 15.90 -4.39 3.17
N GLY A 112 16.36 -3.79 2.08
CA GLY A 112 15.98 -2.43 1.74
C GLY A 112 17.15 -1.46 1.74
N THR A 113 17.16 -0.55 0.77
CA THR A 113 18.22 0.44 0.64
C THR A 113 17.58 1.83 0.56
N LEU A 114 18.08 2.75 1.39
CA LEU A 114 17.56 4.10 1.40
C LEU A 114 18.21 4.92 0.28
N VAL A 115 17.38 5.47 -0.61
CA VAL A 115 17.85 6.29 -1.71
C VAL A 115 17.03 7.58 -1.71
N THR A 116 17.67 8.69 -1.37
CA THR A 116 17.02 9.99 -1.30
C THR A 116 17.77 11.01 -2.15
N VAL A 117 17.10 12.11 -2.46
CA VAL A 117 17.72 13.17 -3.26
C VAL A 117 17.80 14.46 -2.48
N SER A 118 18.28 14.38 -1.24
CA SER A 118 18.38 15.57 -0.39
C SER A 118 19.35 16.61 -0.92
N SER A 119 19.04 17.88 -0.68
CA SER A 119 19.91 18.96 -1.13
C SER A 119 20.81 19.44 0.01
N ALA A 120 21.09 20.74 0.09
CA ALA A 120 21.94 21.34 1.15
C ALA A 120 23.45 21.04 1.14
N SER A 121 24.23 21.88 1.81
CA SER A 121 25.69 21.70 1.83
C SER A 121 26.12 21.12 3.17
N THR A 122 27.33 20.57 3.24
CA THR A 122 27.75 19.90 4.47
C THR A 122 28.25 20.96 5.45
N LYS A 123 27.52 21.15 6.55
CA LYS A 123 27.81 22.23 7.49
C LYS A 123 27.56 21.73 8.91
N GLY A 124 28.41 22.13 9.83
CA GLY A 124 28.19 21.91 11.25
C GLY A 124 27.61 23.14 11.89
N PRO A 125 26.29 23.15 12.11
CA PRO A 125 25.61 24.34 12.58
C PRO A 125 25.77 24.53 14.08
N SER A 126 25.43 25.72 14.55
CA SER A 126 25.42 26.02 15.97
C SER A 126 24.16 25.46 16.62
N VAL A 127 24.30 25.03 17.87
CA VAL A 127 23.21 24.44 18.63
C VAL A 127 22.76 25.47 19.65
N PHE A 128 21.47 25.81 19.63
CA PHE A 128 20.95 26.82 20.55
C PHE A 128 20.13 26.15 21.65
N PRO A 129 20.33 26.55 22.91
CA PRO A 129 19.57 25.93 24.01
C PRO A 129 18.13 26.39 24.07
N LEU A 130 17.40 25.95 25.09
CA LEU A 130 16.01 26.33 25.27
C LEU A 130 15.81 27.44 26.30
N ALA A 131 16.78 27.64 27.20
CA ALA A 131 16.71 28.67 28.24
C ALA A 131 15.42 28.55 29.04
N PRO A 132 15.30 27.55 29.91
CA PRO A 132 14.03 27.33 30.61
C PRO A 132 13.70 28.43 31.60
N SER A 133 12.70 29.24 31.29
CA SER A 133 12.31 30.35 32.16
C SER A 133 10.87 30.26 32.64
N SER A 134 9.92 30.12 31.72
CA SER A 134 8.51 30.34 32.05
C SER A 134 7.84 29.12 32.66
N LYS A 135 7.73 28.03 31.88
CA LYS A 135 6.98 26.87 32.33
C LYS A 135 7.86 25.63 32.33
N SER A 136 9.12 25.79 32.69
CA SER A 136 10.05 24.68 32.74
C SER A 136 10.92 24.69 33.99
N THR A 137 10.92 25.80 34.75
CA THR A 137 11.69 25.83 35.99
C THR A 137 11.01 25.03 37.09
N SER A 138 9.75 25.36 37.39
CA SER A 138 9.00 24.65 38.41
C SER A 138 7.57 24.29 38.01
N GLY A 139 7.05 24.87 36.93
CA GLY A 139 5.69 24.57 36.50
C GLY A 139 5.55 23.27 35.76
N GLY A 140 4.90 22.29 36.37
CA GLY A 140 4.69 21.01 35.71
C GLY A 140 5.98 20.22 35.62
N THR A 141 6.18 19.57 34.47
CA THR A 141 7.37 18.74 34.25
C THR A 141 8.55 19.65 33.95
N ALA A 142 9.47 19.76 34.92
CA ALA A 142 10.65 20.58 34.72
C ALA A 142 11.61 19.91 33.75
N ALA A 143 12.03 20.65 32.72
CA ALA A 143 12.90 20.10 31.69
C ALA A 143 13.54 21.24 30.92
N LEU A 144 14.60 20.90 30.19
CA LEU A 144 15.30 21.84 29.34
C LEU A 144 15.93 21.10 28.17
N GLY A 145 16.23 21.83 27.11
CA GLY A 145 16.81 21.21 25.93
C GLY A 145 17.58 22.14 25.02
N CYS A 146 17.93 21.66 23.83
CA CYS A 146 18.64 22.44 22.83
C CYS A 146 18.09 22.06 21.45
N LEU A 147 18.78 22.50 20.41
CA LEU A 147 18.31 22.28 19.04
C LEU A 147 19.49 22.33 18.08
N VAL A 148 19.66 21.26 17.32
CA VAL A 148 20.63 21.25 16.23
C VAL A 148 19.88 21.59 14.94
N LYS A 149 20.09 22.80 14.42
CA LYS A 149 19.27 23.35 13.34
C LYS A 149 19.95 23.12 11.99
N ASP A 150 19.21 22.48 11.08
CA ASP A 150 19.56 22.39 9.68
C ASP A 150 20.92 21.74 9.42
N TYR A 151 21.05 20.46 9.75
CA TYR A 151 22.25 19.72 9.39
C TYR A 151 22.01 18.91 8.13
N PHE A 152 23.07 18.67 7.34
CA PHE A 152 22.92 18.05 6.03
C PHE A 152 22.72 16.53 6.09
N PRO A 153 23.61 15.75 6.73
CA PRO A 153 23.42 14.29 6.74
C PRO A 153 22.45 13.87 7.82
N GLU A 154 22.30 12.56 8.05
CA GLU A 154 21.41 12.15 9.13
C GLU A 154 22.06 11.15 10.10
N PRO A 155 23.27 11.41 10.62
CA PRO A 155 23.80 10.54 11.68
C PRO A 155 23.62 11.14 13.07
N VAL A 156 22.93 12.27 13.15
CA VAL A 156 22.91 13.05 14.38
C VAL A 156 22.07 12.36 15.44
N THR A 157 22.68 12.15 16.62
CA THR A 157 22.01 11.61 17.80
C THR A 157 22.41 12.50 18.99
N VAL A 158 21.56 13.49 19.27
CA VAL A 158 21.87 14.52 20.26
C VAL A 158 21.85 13.93 21.67
N SER A 159 23.02 13.78 22.27
CA SER A 159 23.17 13.36 23.65
C SER A 159 23.25 14.62 24.52
N TRP A 160 23.59 14.53 25.82
CA TRP A 160 23.67 15.73 26.65
C TRP A 160 25.04 15.72 27.35
N ASN A 161 25.89 16.69 26.97
CA ASN A 161 27.21 16.86 27.55
C ASN A 161 28.05 15.59 27.43
N SER A 162 27.76 14.77 26.41
CA SER A 162 28.39 13.48 26.23
C SER A 162 28.23 12.62 27.49
N GLY A 163 27.10 12.75 28.17
CA GLY A 163 26.85 12.01 29.39
C GLY A 163 27.60 12.55 30.59
N ALA A 164 27.34 13.81 30.94
CA ALA A 164 27.99 14.44 32.09
C ALA A 164 27.00 15.01 33.10
N LEU A 165 25.85 15.52 32.67
CA LEU A 165 24.82 16.00 33.58
C LEU A 165 23.46 15.54 33.11
N THR A 166 23.43 14.47 32.30
CA THR A 166 22.19 13.96 31.75
C THR A 166 21.25 13.45 32.83
N SER A 167 19.98 13.80 32.74
CA SER A 167 18.96 13.36 33.68
C SER A 167 17.76 12.71 32.99
N GLY A 168 17.96 12.12 31.81
CA GLY A 168 16.88 11.55 31.05
C GLY A 168 16.56 12.36 29.81
N VAL A 169 17.05 11.93 28.66
CA VAL A 169 16.91 12.67 27.41
C VAL A 169 15.74 12.08 26.64
N HIS A 170 14.67 12.85 26.49
CA HIS A 170 13.48 12.43 25.74
C HIS A 170 13.60 13.02 24.34
N THR A 171 14.28 12.30 23.46
CA THR A 171 14.55 12.78 22.11
C THR A 171 13.45 12.35 21.15
N PHE A 172 12.97 13.31 20.36
CA PHE A 172 12.05 13.05 19.27
C PHE A 172 12.75 13.23 17.93
N PRO A 173 12.32 12.50 16.90
CA PRO A 173 13.01 12.58 15.59
C PRO A 173 12.98 13.97 14.98
N ALA A 174 13.76 14.16 13.92
CA ALA A 174 13.85 15.45 13.24
C ALA A 174 12.77 15.57 12.17
N VAL A 175 12.88 16.59 11.33
CA VAL A 175 11.89 16.82 10.27
C VAL A 175 12.57 17.62 9.17
N LEU A 176 12.00 17.58 7.97
CA LEU A 176 12.52 18.28 6.80
C LEU A 176 11.84 19.65 6.74
N GLN A 177 12.63 20.71 6.95
CA GLN A 177 12.02 22.04 7.03
C GLN A 177 11.70 22.63 5.66
N SER A 178 12.72 22.94 4.87
CA SER A 178 12.45 23.48 3.54
C SER A 178 12.68 22.46 2.43
N SER A 179 13.93 22.04 2.26
CA SER A 179 14.26 20.93 1.35
C SER A 179 15.30 19.98 1.89
N GLY A 180 16.17 20.40 2.80
CA GLY A 180 17.22 19.56 3.33
C GLY A 180 17.56 19.90 4.76
N LEU A 181 16.72 20.72 5.39
CA LEU A 181 16.98 21.24 6.72
C LEU A 181 16.36 20.33 7.76
N TYR A 182 17.18 19.87 8.70
CA TYR A 182 16.74 18.98 9.77
C TYR A 182 17.02 19.68 11.11
N SER A 183 15.96 20.09 11.79
CA SER A 183 16.08 20.73 13.10
C SER A 183 15.80 19.70 14.20
N LEU A 184 16.79 18.84 14.44
CA LEU A 184 16.68 17.84 15.49
C LEU A 184 16.89 18.49 16.85
N SER A 185 16.05 18.11 17.81
CA SER A 185 16.12 18.68 19.15
C SER A 185 15.90 17.56 20.17
N SER A 186 16.41 17.79 21.37
CA SER A 186 16.22 16.86 22.48
C SER A 186 16.11 17.66 23.75
N VAL A 187 15.26 17.18 24.66
CA VAL A 187 14.95 17.89 25.89
C VAL A 187 15.19 16.94 27.06
N VAL A 188 16.09 17.32 27.97
CA VAL A 188 16.35 16.51 29.15
C VAL A 188 15.49 17.01 30.30
N THR A 189 14.97 16.06 31.09
CA THR A 189 14.10 16.41 32.22
C THR A 189 14.94 16.66 33.47
N VAL A 190 15.30 17.94 33.63
CA VAL A 190 16.08 18.39 34.78
C VAL A 190 15.20 18.30 36.03
N PRO A 191 15.74 17.86 37.17
CA PRO A 191 14.94 17.81 38.40
C PRO A 191 14.81 19.17 39.07
N SER A 192 15.14 20.24 38.34
CA SER A 192 15.08 21.62 38.80
C SER A 192 16.07 21.91 39.92
N SER A 193 16.98 20.97 40.21
CA SER A 193 18.01 21.17 41.21
C SER A 193 19.39 21.44 40.62
N SER A 194 19.62 21.00 39.38
CA SER A 194 20.89 21.26 38.70
C SER A 194 20.94 22.64 38.04
N LEU A 195 19.87 23.43 38.15
CA LEU A 195 19.86 24.76 37.56
C LEU A 195 20.87 25.69 38.24
N GLY A 196 21.16 25.45 39.51
CA GLY A 196 22.13 26.26 40.23
C GLY A 196 23.32 25.46 40.71
N THR A 197 23.41 24.20 40.27
CA THR A 197 24.50 23.32 40.68
C THR A 197 25.49 23.26 39.54
N GLN A 198 25.09 22.90 38.32
CA GLN A 198 26.02 22.83 37.19
C GLN A 198 25.27 23.29 35.94
N THR A 199 25.86 24.24 35.22
CA THR A 199 25.25 24.79 34.02
C THR A 199 25.45 23.83 32.85
N TYR A 200 24.36 23.44 32.21
CA TYR A 200 24.43 22.50 31.10
C TYR A 200 25.19 23.12 29.92
N ILE A 201 25.89 22.25 29.19
CA ILE A 201 26.57 22.64 27.96
C ILE A 201 26.22 21.64 26.87
N CYS A 202 25.16 21.93 26.11
CA CYS A 202 24.65 21.00 25.10
C CYS A 202 25.68 20.77 24.00
N ASN A 203 25.98 19.51 23.70
CA ASN A 203 27.00 19.16 22.74
C ASN A 203 26.60 17.86 22.05
N VAL A 204 27.00 17.71 20.78
CA VAL A 204 26.67 16.54 19.99
C VAL A 204 27.96 15.86 19.56
N ASN A 205 27.85 14.76 18.81
CA ASN A 205 29.02 14.05 18.31
C ASN A 205 28.89 13.80 16.81
N HIS A 206 28.58 14.85 16.06
CA HIS A 206 28.40 14.72 14.61
C HIS A 206 29.71 14.30 13.96
N LYS A 207 29.64 13.28 13.12
CA LYS A 207 30.84 12.70 12.50
C LYS A 207 31.38 13.55 11.35
N PRO A 208 30.55 13.92 10.34
CA PRO A 208 31.11 14.66 9.19
C PRO A 208 31.75 15.99 9.57
N SER A 209 30.96 16.87 10.19
CA SER A 209 31.48 18.17 10.62
C SER A 209 32.01 18.07 12.06
N ASN A 210 32.34 19.21 12.65
CA ASN A 210 32.85 19.23 14.01
C ASN A 210 31.83 19.98 14.88
N THR A 211 30.81 19.26 15.32
CA THR A 211 29.83 19.79 16.27
C THR A 211 30.23 19.42 17.70
N LYS A 212 31.46 19.79 18.07
CA LYS A 212 32.03 19.46 19.37
C LYS A 212 32.02 20.64 20.33
N VAL A 213 31.56 21.81 19.89
CA VAL A 213 31.57 23.02 20.71
C VAL A 213 30.39 22.93 21.69
N ASP A 214 30.71 22.74 22.97
CA ASP A 214 29.69 22.72 24.01
C ASP A 214 29.10 24.11 24.21
N LYS A 215 27.85 24.30 23.78
CA LYS A 215 27.17 25.58 23.88
C LYS A 215 26.55 25.71 25.26
N ARG A 216 26.88 26.80 25.96
CA ARG A 216 26.37 27.04 27.30
C ARG A 216 24.86 27.23 27.29
N VAL A 217 24.19 26.63 28.27
CA VAL A 217 22.76 26.83 28.48
C VAL A 217 22.59 28.16 29.19
N GLU A 218 21.36 28.68 29.22
CA GLU A 218 21.06 29.97 29.83
C GLU A 218 20.16 29.78 31.03
N PRO A 219 20.70 29.48 32.22
CA PRO A 219 19.85 29.38 33.41
C PRO A 219 19.29 30.72 33.83
N LYS A 220 17.96 30.88 33.75
CA LYS A 220 17.32 32.15 34.11
C LYS A 220 17.27 32.33 35.63
N SER A 221 18.45 32.54 36.20
CA SER A 221 18.56 32.77 37.64
C SER A 221 17.95 34.11 38.04
N CYS A 222 17.96 35.09 37.12
CA CYS A 222 17.39 36.39 37.43
C CYS A 222 15.87 36.34 37.41
N ASP A 223 15.29 35.55 36.51
CA ASP A 223 13.84 35.47 36.39
C ASP A 223 13.24 34.52 37.43
N LYS A 224 13.45 33.21 37.24
CA LYS A 224 12.87 32.23 38.14
C LYS A 224 13.93 31.45 38.91
N THR A 225 14.85 30.81 38.18
CA THR A 225 15.88 29.97 38.79
C THR A 225 16.97 29.64 37.79
N ILE B 2 -7.57 3.82 -10.57
CA ILE B 2 -7.70 2.62 -9.76
C ILE B 2 -6.82 2.73 -8.52
N VAL B 3 -7.41 2.48 -7.35
CA VAL B 3 -6.70 2.57 -6.08
C VAL B 3 -7.48 1.76 -5.04
N MET B 4 -6.78 1.40 -3.96
CA MET B 4 -7.39 0.67 -2.85
C MET B 4 -7.38 1.57 -1.62
N THR B 5 -8.50 1.59 -0.90
CA THR B 5 -8.67 2.44 0.26
C THR B 5 -8.67 1.59 1.54
N GLN B 6 -8.07 2.13 2.59
CA GLN B 6 -8.00 1.49 3.89
C GLN B 6 -8.23 2.53 4.97
N PRO B 7 -8.70 2.11 6.14
CA PRO B 7 -8.80 3.05 7.27
C PRO B 7 -7.42 3.47 7.74
N HIS B 8 -7.32 4.71 8.21
CA HIS B 8 -6.02 5.24 8.61
C HIS B 8 -5.42 4.47 9.77
N SER B 9 -6.23 4.15 10.78
CA SER B 9 -5.76 3.42 11.95
C SER B 9 -6.94 2.74 12.61
N VAL B 10 -6.65 1.94 13.64
CA VAL B 10 -7.67 1.25 14.41
C VAL B 10 -7.08 0.91 15.76
N SER B 11 -7.95 0.81 16.77
CA SER B 11 -7.52 0.50 18.12
C SER B 11 -8.59 -0.31 18.83
N GLU B 12 -8.16 -1.33 19.58
CA GLU B 12 -9.08 -2.17 20.32
C GLU B 12 -8.30 -2.92 21.39
N SER B 13 -8.99 -3.25 22.49
CA SER B 13 -8.35 -3.97 23.58
C SER B 13 -8.15 -5.43 23.19
N PRO B 14 -7.08 -6.06 23.67
CA PRO B 14 -6.85 -7.48 23.35
C PRO B 14 -7.96 -8.36 23.91
N GLY B 15 -8.25 -9.43 23.18
CA GLY B 15 -9.25 -10.39 23.62
C GLY B 15 -10.23 -10.82 22.55
N LYS B 16 -10.26 -10.09 21.43
CA LYS B 16 -11.21 -10.39 20.37
C LYS B 16 -10.64 -10.08 18.99
N THR B 17 -11.51 -10.01 17.99
CA THR B 17 -11.09 -9.87 16.59
C THR B 17 -11.15 -8.41 16.16
N VAL B 18 -10.21 -8.03 15.29
CA VAL B 18 -10.17 -6.69 14.71
C VAL B 18 -10.28 -6.84 13.19
N THR B 19 -10.95 -5.88 12.56
CA THR B 19 -11.19 -5.91 11.12
C THR B 19 -10.57 -4.68 10.48
N ILE B 20 -10.13 -4.85 9.23
CA ILE B 20 -9.51 -3.79 8.44
C ILE B 20 -10.13 -3.80 7.06
N SER B 21 -10.59 -2.64 6.59
CA SER B 21 -11.29 -2.54 5.33
C SER B 21 -10.34 -2.31 4.17
N CYS B 22 -10.59 -3.02 3.08
CA CYS B 22 -9.87 -2.85 1.82
C CYS B 22 -10.89 -2.71 0.70
N THR B 23 -11.36 -1.48 0.49
CA THR B 23 -12.48 -1.22 -0.42
C THR B 23 -11.95 -0.88 -1.81
N ARG B 24 -12.46 -1.60 -2.81
CA ARG B 24 -12.09 -1.31 -4.20
C ARG B 24 -12.71 0.01 -4.65
N SER B 25 -11.91 0.86 -5.27
CA SER B 25 -12.41 2.14 -5.75
C SER B 25 -13.34 1.96 -6.95
N SER B 26 -12.82 1.40 -8.04
CA SER B 26 -13.60 1.18 -9.24
C SER B 26 -13.30 -0.21 -9.79
N GLY B 27 -14.26 -0.75 -10.54
CA GLY B 27 -14.13 -2.08 -11.10
C GLY B 27 -14.54 -3.16 -10.13
N SER B 28 -14.63 -4.39 -10.62
CA SER B 28 -15.00 -5.51 -9.75
C SER B 28 -13.92 -5.86 -8.76
N ILE B 29 -14.30 -6.44 -7.64
CA ILE B 29 -13.33 -6.83 -6.63
C ILE B 29 -12.93 -8.29 -6.83
N ALA B 30 -13.75 -9.03 -7.56
CA ALA B 30 -13.48 -10.44 -7.79
C ALA B 30 -12.73 -10.67 -9.09
N SER B 31 -11.96 -9.69 -9.53
CA SER B 31 -11.17 -9.85 -10.74
C SER B 31 -10.06 -10.85 -10.50
N ASN B 32 -9.10 -10.49 -9.66
CA ASN B 32 -8.01 -11.40 -9.36
C ASN B 32 -7.90 -11.67 -7.87
N TYR B 33 -6.81 -12.29 -7.44
CA TYR B 33 -6.67 -12.64 -6.03
C TYR B 33 -6.25 -11.49 -5.15
N VAL B 34 -6.68 -11.50 -3.90
CA VAL B 34 -6.31 -10.46 -2.96
C VAL B 34 -5.39 -11.08 -1.92
N GLN B 35 -4.27 -10.39 -1.66
CA GLN B 35 -3.27 -10.89 -0.73
C GLN B 35 -2.88 -9.82 0.28
N TRP B 36 -2.85 -10.16 1.56
CA TRP B 36 -2.54 -9.21 2.63
C TRP B 36 -1.08 -9.36 3.06
N TYR B 37 -0.51 -8.26 3.55
CA TYR B 37 0.86 -8.24 4.02
C TYR B 37 0.91 -7.64 5.42
N GLN B 38 1.83 -8.14 6.23
CA GLN B 38 2.08 -7.64 7.58
C GLN B 38 3.51 -7.13 7.66
N GLN B 39 3.66 -5.88 8.11
CA GLN B 39 4.98 -5.25 8.12
C GLN B 39 5.22 -4.66 9.49
N ARG B 40 6.18 -5.20 10.23
CA ARG B 40 6.60 -4.62 11.49
C ARG B 40 7.37 -3.33 11.22
N PRO B 41 7.28 -2.32 12.10
CA PRO B 41 8.02 -1.07 11.87
C PRO B 41 9.51 -1.28 11.76
N GLY B 42 10.07 -1.02 10.58
CA GLY B 42 11.49 -1.18 10.36
C GLY B 42 11.85 -2.49 9.67
N SER B 43 11.10 -3.55 9.96
CA SER B 43 11.37 -4.86 9.41
C SER B 43 10.88 -4.94 7.96
N SER B 44 11.13 -6.08 7.32
CA SER B 44 10.71 -6.31 5.95
C SER B 44 9.30 -6.90 5.93
N PRO B 45 8.43 -6.45 5.03
CA PRO B 45 7.06 -6.98 4.99
C PRO B 45 7.05 -8.46 4.64
N THR B 46 6.04 -9.16 5.13
CA THR B 46 5.88 -10.58 4.88
C THR B 46 4.42 -10.88 4.57
N THR B 47 4.21 -11.93 3.80
CA THR B 47 2.85 -12.32 3.45
C THR B 47 2.16 -13.00 4.62
N VAL B 48 0.97 -12.51 4.97
CA VAL B 48 0.19 -13.09 6.06
C VAL B 48 -0.97 -13.93 5.55
N ILE B 49 -1.46 -13.69 4.33
CA ILE B 49 -2.54 -14.45 3.74
C ILE B 49 -2.48 -14.27 2.23
N TYR B 50 -3.04 -15.22 1.50
CA TYR B 50 -3.09 -15.15 0.04
C TYR B 50 -4.35 -15.86 -0.47
N GLU B 51 -4.92 -15.31 -1.54
CA GLU B 51 -6.12 -15.84 -2.18
C GLU B 51 -7.34 -15.74 -1.26
N ASP B 52 -7.14 -15.09 -0.10
CA ASP B 52 -8.18 -14.81 0.88
C ASP B 52 -8.72 -16.06 1.55
N ASN B 53 -8.27 -17.24 1.10
CA ASN B 53 -8.76 -18.48 1.68
C ASN B 53 -7.63 -19.28 2.32
N GLN B 54 -6.56 -19.53 1.55
CA GLN B 54 -5.44 -20.31 2.04
C GLN B 54 -4.50 -19.46 2.89
N ARG B 55 -3.69 -20.12 3.71
CA ARG B 55 -2.79 -19.45 4.63
C ARG B 55 -1.36 -19.89 4.37
N PRO B 56 -0.39 -18.98 4.36
CA PRO B 56 1.00 -19.39 4.15
C PRO B 56 1.50 -20.26 5.30
N SER B 57 2.43 -21.17 4.96
CA SER B 57 3.00 -22.04 5.97
C SER B 57 3.81 -21.26 6.98
N GLY B 58 3.53 -21.48 8.26
CA GLY B 58 4.17 -20.78 9.35
C GLY B 58 3.32 -19.68 9.96
N VAL B 59 2.38 -19.13 9.20
CA VAL B 59 1.50 -18.09 9.73
C VAL B 59 0.59 -18.69 10.79
N PRO B 60 0.41 -18.06 11.95
CA PRO B 60 -0.50 -18.61 12.96
C PRO B 60 -1.93 -18.70 12.43
N ASP B 61 -2.69 -19.64 13.00
CA ASP B 61 -4.07 -19.87 12.58
C ASP B 61 -5.03 -18.77 13.00
N ARG B 62 -4.56 -17.66 13.56
CA ARG B 62 -5.40 -16.55 13.98
C ARG B 62 -5.59 -15.52 12.87
N PHE B 63 -5.42 -15.90 11.62
CA PHE B 63 -5.57 -14.99 10.49
C PHE B 63 -6.35 -15.69 9.39
N SER B 64 -7.57 -15.24 9.14
CA SER B 64 -8.39 -15.79 8.07
C SER B 64 -9.29 -14.70 7.47
N GLY B 65 -8.82 -14.08 6.39
CA GLY B 65 -9.57 -12.99 5.78
C GLY B 65 -10.78 -13.47 5.01
N SER B 66 -11.48 -12.50 4.42
CA SER B 66 -12.68 -12.77 3.64
C SER B 66 -12.79 -11.73 2.53
N ILE B 67 -13.73 -11.96 1.62
CA ILE B 67 -13.98 -11.07 0.49
C ILE B 67 -15.48 -10.87 0.37
N ASP B 68 -15.92 -9.62 0.45
CA ASP B 68 -17.34 -9.30 0.33
C ASP B 68 -17.61 -8.76 -1.07
N SER B 69 -18.30 -9.56 -1.90
CA SER B 69 -18.58 -9.17 -3.28
C SER B 69 -19.77 -8.23 -3.40
N SER B 70 -20.27 -7.69 -2.29
CA SER B 70 -21.43 -6.80 -2.34
C SER B 70 -21.04 -5.38 -2.73
N SER B 71 -20.17 -4.76 -1.95
CA SER B 71 -19.78 -3.37 -2.19
C SER B 71 -18.30 -3.24 -2.54
N ASN B 72 -17.75 -4.27 -3.18
CA ASN B 72 -16.37 -4.29 -3.63
C ASN B 72 -15.40 -4.04 -2.48
N SER B 73 -15.44 -4.95 -1.50
CA SER B 73 -14.61 -4.83 -0.32
C SER B 73 -14.10 -6.21 0.08
N ALA B 74 -13.09 -6.21 0.93
CA ALA B 74 -12.52 -7.44 1.46
C ALA B 74 -11.80 -7.15 2.78
N SER B 75 -12.35 -7.66 3.88
CA SER B 75 -11.83 -7.38 5.22
C SER B 75 -11.00 -8.56 5.72
N LEU B 76 -10.13 -8.26 6.67
CA LEU B 76 -9.26 -9.25 7.29
C LEU B 76 -9.74 -9.52 8.71
N THR B 77 -9.78 -10.80 9.09
CA THR B 77 -10.23 -11.22 10.42
C THR B 77 -9.00 -11.62 11.22
N ILE B 78 -8.60 -10.74 12.15
CA ILE B 78 -7.44 -10.98 13.00
C ILE B 78 -7.91 -11.35 14.40
N SER B 79 -8.01 -12.65 14.68
CA SER B 79 -8.43 -13.11 15.99
C SER B 79 -7.21 -13.22 16.92
N GLY B 80 -7.49 -13.36 18.22
CA GLY B 80 -6.41 -13.43 19.18
C GLY B 80 -5.54 -12.19 19.25
N LEU B 81 -6.16 -11.03 19.39
CA LEU B 81 -5.40 -9.77 19.41
C LEU B 81 -4.44 -9.74 20.59
N LYS B 82 -3.18 -9.43 20.30
CA LYS B 82 -2.13 -9.36 21.30
C LYS B 82 -1.27 -8.12 21.04
N THR B 83 -0.34 -7.87 21.96
CA THR B 83 0.60 -6.76 21.82
C THR B 83 1.72 -7.08 20.84
N GLU B 84 1.89 -8.34 20.44
CA GLU B 84 2.89 -8.72 19.48
C GLU B 84 2.42 -8.60 18.03
N ASP B 85 1.19 -8.13 17.81
CA ASP B 85 0.65 -7.95 16.47
C ASP B 85 0.38 -6.48 16.15
N GLU B 86 0.86 -5.56 16.98
CA GLU B 86 0.64 -4.14 16.76
C GLU B 86 1.58 -3.66 15.66
N ALA B 87 1.09 -3.63 14.42
CA ALA B 87 1.89 -3.22 13.28
C ALA B 87 1.00 -2.75 12.13
N ASP B 88 1.58 -2.60 10.94
CA ASP B 88 0.84 -2.15 9.78
C ASP B 88 0.37 -3.35 8.98
N TYR B 89 -0.73 -3.16 8.26
CA TYR B 89 -1.31 -4.22 7.44
C TYR B 89 -1.80 -3.62 6.14
N TYR B 90 -1.32 -4.17 5.02
CA TYR B 90 -1.68 -3.70 3.69
C TYR B 90 -2.34 -4.82 2.90
N CYS B 91 -3.21 -4.43 1.98
CA CYS B 91 -3.82 -5.35 1.02
C CYS B 91 -3.24 -5.08 -0.36
N GLN B 92 -3.37 -6.06 -1.24
CA GLN B 92 -2.81 -5.96 -2.59
C GLN B 92 -3.59 -6.87 -3.52
N SER B 93 -3.89 -6.35 -4.71
CA SER B 93 -4.65 -7.11 -5.70
C SER B 93 -4.42 -6.57 -7.10
N TYR B 94 -3.93 -7.42 -8.00
CA TYR B 94 -3.74 -7.03 -9.39
C TYR B 94 -5.08 -6.75 -10.03
N ASP B 95 -5.25 -5.53 -10.54
CA ASP B 95 -6.53 -5.11 -11.11
C ASP B 95 -6.26 -4.11 -12.22
N GLY B 96 -6.94 -4.28 -13.35
CA GLY B 96 -6.82 -3.38 -14.47
C GLY B 96 -6.28 -4.08 -15.70
N SER B 97 -6.68 -3.53 -16.85
CA SER B 97 -6.23 -4.02 -18.15
C SER B 97 -4.94 -3.36 -18.61
N ASN B 98 -4.47 -2.34 -17.91
CA ASN B 98 -3.23 -1.65 -18.25
C ASN B 98 -2.00 -2.29 -17.62
N HIS B 99 -2.14 -3.50 -17.06
CA HIS B 99 -1.03 -4.26 -16.49
C HIS B 99 -0.34 -3.46 -15.38
N ASN B 100 -1.11 -3.20 -14.33
CA ASN B 100 -0.63 -2.43 -13.20
C ASN B 100 -1.06 -3.10 -11.90
N VAL B 101 -0.13 -3.19 -10.95
CA VAL B 101 -0.43 -3.75 -9.64
C VAL B 101 -0.75 -2.61 -8.69
N VAL B 102 -1.82 -2.75 -7.92
CA VAL B 102 -2.30 -1.71 -7.02
C VAL B 102 -2.19 -2.23 -5.59
N PHE B 103 -1.34 -1.59 -4.79
CA PHE B 103 -1.23 -1.92 -3.39
C PHE B 103 -2.37 -1.28 -2.60
N GLY B 104 -2.31 -1.41 -1.27
CA GLY B 104 -3.30 -0.83 -0.40
C GLY B 104 -2.89 0.52 0.15
N GLY B 105 -3.81 1.13 0.88
CA GLY B 105 -3.55 2.44 1.48
C GLY B 105 -2.62 2.37 2.68
N GLY B 106 -3.04 1.67 3.73
CA GLY B 106 -2.25 1.56 4.94
C GLY B 106 -3.08 1.67 6.20
N THR B 107 -2.90 0.74 7.12
CA THR B 107 -3.68 0.70 8.36
C THR B 107 -2.71 0.48 9.53
N GLU B 108 -2.69 1.44 10.46
CA GLU B 108 -1.84 1.34 11.64
C GLU B 108 -2.68 0.79 12.78
N LEU B 109 -2.58 -0.51 13.01
CA LEU B 109 -3.34 -1.19 14.06
C LEU B 109 -2.61 -1.02 15.39
N THR B 110 -3.33 -0.49 16.38
CA THR B 110 -2.74 -0.25 17.69
C THR B 110 -3.56 -1.01 18.70
N VAL B 111 -2.93 -1.39 19.81
CA VAL B 111 -3.68 -2.07 20.87
C VAL B 111 -3.78 -1.18 22.09
N LEU B 112 -4.63 -1.56 23.04
CA LEU B 112 -4.72 -0.79 24.28
C LEU B 112 -3.47 -1.09 25.08
N SER B 113 -2.64 -0.08 25.29
CA SER B 113 -1.38 -0.30 25.98
C SER B 113 -1.29 0.41 27.32
N GLN B 114 -1.42 1.74 27.31
CA GLN B 114 -1.27 2.50 28.54
C GLN B 114 -2.58 3.23 29.00
N PRO B 115 -2.68 3.70 30.30
CA PRO B 115 -3.93 4.40 30.60
C PRO B 115 -3.90 5.82 30.06
N LYS B 116 -4.99 6.54 30.29
CA LYS B 116 -5.18 7.90 29.81
C LYS B 116 -4.68 8.90 30.84
N ALA B 117 -3.99 9.94 30.37
CA ALA B 117 -3.46 10.98 31.23
C ALA B 117 -3.56 12.32 30.50
N ALA B 118 -3.91 13.36 31.25
CA ALA B 118 -4.06 14.69 30.67
C ALA B 118 -2.70 15.26 30.29
N PRO B 119 -2.46 15.58 29.02
CA PRO B 119 -1.15 16.14 28.63
C PRO B 119 -0.94 17.55 29.17
N SER B 120 0.13 17.73 29.94
CA SER B 120 0.41 19.03 30.52
C SER B 120 0.92 20.00 29.45
N VAL B 121 0.68 21.28 29.66
CA VAL B 121 1.13 22.31 28.72
C VAL B 121 2.48 22.84 29.16
N THR B 122 3.47 22.76 28.27
CA THR B 122 4.81 23.24 28.59
C THR B 122 5.33 24.00 27.37
N LEU B 123 5.47 25.31 27.52
CA LEU B 123 6.02 26.18 26.49
C LEU B 123 7.42 26.64 26.90
N PHE B 124 8.29 26.80 25.90
CA PHE B 124 9.68 27.17 26.17
C PHE B 124 10.04 28.44 25.42
N PRO B 125 10.55 29.45 26.11
CA PRO B 125 10.91 30.72 25.46
C PRO B 125 12.19 30.59 24.68
N PRO B 126 12.51 31.57 23.82
CA PRO B 126 13.80 31.53 23.09
C PRO B 126 15.00 31.70 24.01
N SER B 127 16.20 31.73 23.42
CA SER B 127 17.43 31.85 24.19
C SER B 127 18.11 33.16 23.80
N SER B 128 19.33 33.37 24.30
CA SER B 128 20.04 34.63 24.14
C SER B 128 21.00 34.61 22.94
N GLU B 129 21.91 33.63 22.91
CA GLU B 129 22.92 33.62 21.86
C GLU B 129 22.34 33.37 20.48
N GLU B 130 21.20 32.70 20.38
CA GLU B 130 20.56 32.53 19.09
C GLU B 130 19.94 33.84 18.59
N LEU B 131 19.54 34.71 19.51
CA LEU B 131 18.96 36.01 19.16
C LEU B 131 20.02 37.03 18.78
N GLN B 132 20.84 36.73 17.78
CA GLN B 132 21.86 37.65 17.31
C GLN B 132 21.36 38.60 16.23
N ALA B 133 20.90 38.07 15.09
CA ALA B 133 20.25 38.91 14.09
C ALA B 133 18.79 38.50 13.92
N ASN B 134 18.56 37.22 13.59
CA ASN B 134 17.21 36.65 13.51
C ASN B 134 17.33 35.13 13.55
N LYS B 135 17.12 34.56 14.74
CA LYS B 135 17.12 33.12 14.91
C LYS B 135 16.50 32.76 16.26
N ALA B 136 15.49 31.90 16.22
CA ALA B 136 14.84 31.39 17.44
C ALA B 136 13.89 30.26 17.08
N THR B 137 13.19 29.72 18.08
CA THR B 137 12.24 28.64 17.85
C THR B 137 11.14 28.70 18.90
N LEU B 138 10.02 28.07 18.59
CA LEU B 138 8.84 28.03 19.46
C LEU B 138 8.51 26.55 19.72
N VAL B 139 8.88 26.08 20.90
CA VAL B 139 8.61 24.70 21.29
C VAL B 139 7.44 24.64 22.25
N CYS B 140 6.37 23.95 21.85
CA CYS B 140 5.21 23.76 22.71
C CYS B 140 5.03 22.27 22.97
N LEU B 141 6.13 21.60 23.32
CA LEU B 141 6.12 20.17 23.59
C LEU B 141 5.19 19.82 24.73
N ILE B 142 4.21 18.96 24.44
CA ILE B 142 3.37 18.38 25.48
C ILE B 142 3.82 16.95 25.72
N SER B 143 3.66 16.49 26.96
CA SER B 143 4.12 15.16 27.34
C SER B 143 3.07 14.52 28.22
N ASP B 144 3.35 13.31 28.70
CA ASP B 144 2.48 12.55 29.58
C ASP B 144 1.11 12.31 28.94
N PHE B 145 1.13 11.59 27.82
CA PHE B 145 -0.10 11.24 27.13
C PHE B 145 0.10 9.96 26.34
N TYR B 146 -0.80 9.00 26.52
CA TYR B 146 -0.78 7.74 25.80
C TYR B 146 -1.36 7.84 24.40
N PRO B 147 -2.57 8.44 24.20
CA PRO B 147 -3.13 8.48 22.84
C PRO B 147 -2.30 9.31 21.88
N GLY B 148 -2.16 8.83 20.65
CA GLY B 148 -1.38 9.49 19.63
C GLY B 148 -2.10 10.55 18.83
N ALA B 149 -3.35 10.84 19.16
CA ALA B 149 -4.13 11.87 18.46
C ALA B 149 -3.81 13.26 19.00
N VAL B 150 -2.54 13.64 18.96
CA VAL B 150 -2.11 14.92 19.51
C VAL B 150 -2.68 16.05 18.66
N THR B 151 -3.35 16.98 19.34
CA THR B 151 -3.93 18.14 18.66
C THR B 151 -3.64 19.38 19.50
N VAL B 152 -2.94 20.35 18.90
CA VAL B 152 -2.57 21.58 19.60
C VAL B 152 -3.06 22.78 18.80
N ALA B 153 -2.83 23.98 19.32
CA ALA B 153 -3.22 25.21 18.66
C ALA B 153 -2.20 26.29 18.97
N TRP B 154 -2.26 27.38 18.20
CA TRP B 154 -1.33 28.50 18.35
C TRP B 154 -2.10 29.80 18.21
N LYS B 155 -2.18 30.56 19.31
CA LYS B 155 -2.83 31.87 19.34
C LYS B 155 -1.91 32.79 20.15
N ALA B 156 -1.37 33.81 19.47
CA ALA B 156 -0.40 34.69 20.11
C ALA B 156 -1.08 35.77 20.94
N ASP B 157 -2.04 35.35 21.79
CA ASP B 157 -2.68 36.19 22.80
C ASP B 157 -3.54 37.29 22.19
N SER B 158 -3.48 37.47 20.86
CA SER B 158 -4.32 38.45 20.19
C SER B 158 -4.87 37.96 18.87
N SER B 159 -4.46 36.77 18.41
CA SER B 159 -4.87 36.26 17.11
C SER B 159 -4.47 34.80 16.97
N PRO B 160 -5.31 33.94 16.38
CA PRO B 160 -4.91 32.55 16.16
C PRO B 160 -3.91 32.43 15.01
N VAL B 161 -2.64 32.66 15.30
CA VAL B 161 -1.59 32.63 14.28
C VAL B 161 -1.47 31.22 13.71
N LYS B 162 -1.56 31.11 12.38
CA LYS B 162 -1.45 29.84 11.70
C LYS B 162 -0.42 29.83 10.58
N ALA B 163 0.32 30.92 10.39
CA ALA B 163 1.33 30.97 9.34
C ALA B 163 2.47 30.02 9.65
N GLY B 164 2.81 29.17 8.68
CA GLY B 164 3.87 28.20 8.85
C GLY B 164 3.59 27.19 9.94
N VAL B 165 2.36 26.66 9.96
CA VAL B 165 1.97 25.70 10.98
C VAL B 165 2.69 24.38 10.73
N GLU B 166 3.36 23.87 11.76
CA GLU B 166 4.08 22.61 11.64
C GLU B 166 4.22 22.00 13.03
N THR B 167 4.35 20.68 13.08
CA THR B 167 4.54 19.96 14.32
C THR B 167 5.73 19.02 14.18
N THR B 168 6.26 18.59 15.32
CA THR B 168 7.41 17.69 15.34
C THR B 168 6.93 16.25 15.28
N THR B 169 7.84 15.30 15.47
CA THR B 169 7.52 13.88 15.36
C THR B 169 7.31 13.29 16.75
N PRO B 170 6.15 12.67 17.02
CA PRO B 170 5.94 12.03 18.32
C PRO B 170 6.78 10.77 18.43
N SER B 171 7.69 10.77 19.41
CA SER B 171 8.62 9.66 19.61
C SER B 171 8.02 8.65 20.59
N LYS B 172 8.05 7.37 20.21
CA LYS B 172 7.57 6.31 21.08
C LYS B 172 8.51 6.13 22.26
N GLN B 173 8.03 6.47 23.46
CA GLN B 173 8.84 6.35 24.66
C GLN B 173 9.05 4.89 25.04
N SER B 174 9.80 4.67 26.12
CA SER B 174 10.10 3.32 26.57
C SER B 174 8.83 2.58 26.98
N ASN B 175 8.06 3.16 27.90
CA ASN B 175 6.85 2.53 28.41
C ASN B 175 5.61 2.94 27.61
N ASN B 176 5.68 2.78 26.29
CA ASN B 176 4.56 3.00 25.38
C ASN B 176 3.93 4.38 25.56
N LYS B 177 4.72 5.44 25.35
CA LYS B 177 4.19 6.80 25.43
C LYS B 177 4.60 7.61 24.21
N TYR B 178 4.33 8.91 24.22
CA TYR B 178 4.68 9.78 23.12
C TYR B 178 5.24 11.08 23.65
N ALA B 179 6.03 11.76 22.81
CA ALA B 179 6.64 13.03 23.16
C ALA B 179 6.46 14.02 22.01
N ALA B 180 5.22 14.13 21.54
CA ALA B 180 4.91 15.01 20.42
C ALA B 180 5.17 16.47 20.78
N SER B 181 6.05 17.11 20.01
CA SER B 181 6.40 18.51 20.21
C SER B 181 5.79 19.37 19.10
N SER B 182 6.00 20.68 19.21
CA SER B 182 5.49 21.64 18.26
C SER B 182 6.62 22.50 17.72
N TYR B 183 6.47 22.94 16.46
CA TYR B 183 7.47 23.79 15.81
C TYR B 183 6.72 24.73 14.86
N LEU B 184 6.42 25.93 15.36
CA LEU B 184 5.72 26.93 14.56
C LEU B 184 6.73 27.89 13.92
N SER B 185 6.29 28.57 12.87
CA SER B 185 7.11 29.55 12.19
C SER B 185 7.16 30.85 12.97
N LEU B 186 8.34 31.46 13.00
CA LEU B 186 8.56 32.67 13.78
C LEU B 186 8.60 33.90 12.87
N THR B 187 8.85 35.06 13.48
CA THR B 187 8.92 36.33 12.78
C THR B 187 10.35 36.85 12.88
N PRO B 188 11.16 36.70 11.81
CA PRO B 188 12.56 37.13 11.86
C PRO B 188 12.72 38.61 12.15
N GLU B 189 12.12 39.45 11.31
CA GLU B 189 12.20 40.91 11.45
C GLU B 189 10.92 41.50 12.02
N GLN B 190 10.01 40.68 12.55
CA GLN B 190 8.76 41.19 13.09
C GLN B 190 8.57 40.73 14.54
N TRP B 191 9.63 40.82 15.34
CA TRP B 191 9.53 40.44 16.75
C TRP B 191 8.61 41.35 17.54
N LYS B 192 8.31 42.55 17.03
CA LYS B 192 7.40 43.45 17.74
C LYS B 192 5.95 43.19 17.32
N SER B 193 5.67 41.99 16.81
CA SER B 193 4.31 41.61 16.43
C SER B 193 3.39 41.64 17.64
N HIS B 194 3.69 40.81 18.64
CA HIS B 194 2.93 40.79 19.89
C HIS B 194 3.90 40.56 21.05
N ARG B 195 3.58 41.16 22.19
CA ARG B 195 4.39 41.04 23.38
C ARG B 195 4.15 39.73 24.13
N SER B 196 3.40 38.81 23.55
CA SER B 196 3.16 37.52 24.19
C SER B 196 2.96 36.47 23.10
N TYR B 197 3.21 35.20 23.48
CA TYR B 197 3.03 34.05 22.59
C TYR B 197 2.44 32.91 23.42
N SER B 198 1.17 32.62 23.19
CA SER B 198 0.50 31.54 23.91
C SER B 198 0.27 30.36 22.98
N CYS B 199 0.15 29.18 23.58
CA CYS B 199 -0.02 27.93 22.82
C CYS B 199 -1.17 27.15 23.44
N GLN B 200 -2.24 26.97 22.68
CA GLN B 200 -3.41 26.23 23.15
C GLN B 200 -3.25 24.75 22.82
N VAL B 201 -4.13 23.92 23.38
CA VAL B 201 -4.11 22.48 23.14
C VAL B 201 -5.47 21.91 23.46
N THR B 202 -5.92 20.95 22.64
CA THR B 202 -7.20 20.28 22.85
C THR B 202 -7.08 18.77 22.80
N HIS B 203 -5.94 18.19 23.16
CA HIS B 203 -5.75 16.74 23.05
C HIS B 203 -6.44 16.05 24.22
N GLU B 204 -7.77 15.93 24.14
CA GLU B 204 -8.57 15.14 25.07
C GLU B 204 -8.24 15.47 26.53
N GLY B 205 -8.50 16.70 26.95
CA GLY B 205 -8.22 17.09 28.33
C GLY B 205 -8.27 18.57 28.57
N SER B 206 -7.25 19.09 29.27
CA SER B 206 -7.19 20.49 29.62
C SER B 206 -6.94 21.33 28.37
N THR B 207 -7.17 22.65 28.48
CA THR B 207 -6.93 23.53 27.34
C THR B 207 -6.25 24.84 27.75
N VAL B 208 -5.53 24.86 28.87
CA VAL B 208 -4.86 26.06 29.34
C VAL B 208 -3.69 26.39 28.41
N GLU B 209 -3.28 27.66 28.39
CA GLU B 209 -2.20 28.10 27.52
C GLU B 209 -1.16 28.82 28.36
N LYS B 210 0.09 28.71 27.94
CA LYS B 210 1.21 29.36 28.60
C LYS B 210 1.76 30.47 27.71
N THR B 211 2.08 31.61 28.33
CA THR B 211 2.55 32.78 27.59
C THR B 211 4.01 33.04 27.94
N VAL B 212 4.77 33.45 26.93
CA VAL B 212 6.18 33.79 27.08
C VAL B 212 6.45 35.10 26.38
N ALA B 213 7.54 35.76 26.78
CA ALA B 213 7.96 36.98 26.11
C ALA B 213 8.52 36.65 24.74
N PRO B 214 8.46 37.57 23.76
CA PRO B 214 8.98 37.26 22.43
C PRO B 214 10.47 36.97 22.43
N THR B 215 11.26 37.88 23.01
CA THR B 215 12.71 37.68 23.06
C THR B 215 13.28 37.99 24.44
N GLU B 216 12.45 38.40 25.40
CA GLU B 216 12.90 38.76 26.75
C GLU B 216 13.99 39.83 26.72
N ASN C 1 4.10 -34.68 -25.99
CA ASN C 1 2.67 -34.76 -26.31
C ASN C 1 1.89 -33.73 -25.50
N LEU C 2 2.14 -32.45 -25.77
CA LEU C 2 1.47 -31.38 -25.05
C LEU C 2 -0.01 -31.33 -25.46
N CYS C 3 -0.85 -30.85 -24.55
CA CYS C 3 -2.27 -30.79 -24.83
C CYS C 3 -2.57 -29.61 -25.75
N PRO C 4 -3.48 -29.79 -26.72
CA PRO C 4 -3.79 -28.70 -27.64
C PRO C 4 -4.60 -27.59 -26.98
N PHE C 5 -3.96 -26.44 -26.74
CA PHE C 5 -4.64 -25.26 -26.23
C PHE C 5 -4.69 -24.11 -27.22
N GLY C 6 -3.98 -24.20 -28.36
CA GLY C 6 -4.00 -23.12 -29.32
C GLY C 6 -5.36 -22.95 -29.99
N GLU C 7 -6.05 -24.07 -30.21
CA GLU C 7 -7.38 -24.02 -30.83
C GLU C 7 -8.42 -23.37 -29.94
N VAL C 8 -8.17 -23.28 -28.63
CA VAL C 8 -9.14 -22.68 -27.72
C VAL C 8 -8.88 -21.19 -27.49
N PHE C 9 -7.62 -20.82 -27.24
CA PHE C 9 -7.30 -19.43 -26.94
C PHE C 9 -6.87 -18.68 -28.20
N ASN C 10 -5.90 -19.23 -28.93
CA ASN C 10 -5.39 -18.57 -30.14
C ASN C 10 -6.19 -19.01 -31.37
N ALA C 11 -7.52 -18.86 -31.27
CA ALA C 11 -8.41 -19.18 -32.37
C ALA C 11 -8.69 -17.95 -33.21
N THR C 12 -9.53 -18.09 -34.23
CA THR C 12 -9.87 -16.96 -35.09
C THR C 12 -11.34 -16.57 -34.90
N ARG C 13 -12.23 -17.55 -35.06
CA ARG C 13 -13.66 -17.28 -34.89
C ARG C 13 -14.17 -17.91 -33.60
N PHE C 14 -14.84 -17.11 -32.79
CA PHE C 14 -15.42 -17.57 -31.54
C PHE C 14 -16.93 -17.77 -31.69
N ALA C 15 -17.49 -18.50 -30.74
CA ALA C 15 -18.92 -18.82 -30.78
C ALA C 15 -19.77 -17.66 -30.29
N SER C 16 -21.06 -17.91 -30.07
CA SER C 16 -21.97 -16.90 -29.57
C SER C 16 -22.29 -17.19 -28.11
N VAL C 17 -23.09 -16.30 -27.51
CA VAL C 17 -23.42 -16.44 -26.09
C VAL C 17 -24.41 -17.57 -25.88
N TYR C 18 -25.47 -17.61 -26.69
CA TYR C 18 -26.51 -18.62 -26.51
C TYR C 18 -26.02 -20.02 -26.87
N ALA C 19 -24.97 -20.14 -27.68
CA ALA C 19 -24.42 -21.42 -28.11
C ALA C 19 -22.92 -21.41 -27.82
N TRP C 20 -22.55 -21.82 -26.60
CA TRP C 20 -21.16 -21.87 -26.21
C TRP C 20 -20.53 -23.19 -26.63
N ASN C 21 -19.49 -23.12 -27.47
CA ASN C 21 -18.86 -24.31 -28.00
C ASN C 21 -18.07 -25.04 -26.92
N ARG C 22 -18.09 -26.37 -26.98
CA ARG C 22 -17.34 -27.22 -26.06
C ARG C 22 -16.07 -27.72 -26.77
N LYS C 23 -15.01 -27.93 -25.99
CA LYS C 23 -13.74 -28.36 -26.54
C LYS C 23 -13.13 -29.50 -25.73
N ARG C 24 -13.93 -30.54 -25.46
CA ARG C 24 -13.46 -31.70 -24.71
C ARG C 24 -12.17 -32.25 -25.29
N ILE C 25 -11.14 -32.31 -24.45
CA ILE C 25 -9.84 -32.82 -24.84
C ILE C 25 -9.30 -33.70 -23.70
N SER C 26 -8.68 -34.81 -24.06
CA SER C 26 -8.11 -35.75 -23.10
C SER C 26 -7.00 -36.51 -23.80
N ASN C 27 -6.40 -37.46 -23.08
CA ASN C 27 -5.29 -38.26 -23.58
C ASN C 27 -4.15 -37.37 -24.06
N CYS C 28 -3.69 -36.51 -23.15
CA CYS C 28 -2.69 -35.50 -23.46
C CYS C 28 -1.87 -35.21 -22.21
N VAL C 29 -0.94 -34.27 -22.34
CA VAL C 29 -0.15 -33.78 -21.22
C VAL C 29 -0.37 -32.27 -21.16
N ALA C 30 -1.24 -31.84 -20.26
CA ALA C 30 -1.66 -30.44 -20.16
C ALA C 30 -0.72 -29.69 -19.24
N ASP C 31 0.10 -28.81 -19.81
CA ASP C 31 0.98 -27.96 -19.04
C ASP C 31 0.25 -26.66 -18.70
N TYR C 32 -0.10 -26.50 -17.43
CA TYR C 32 -0.84 -25.34 -16.97
C TYR C 32 0.04 -24.12 -16.75
N SER C 33 1.36 -24.26 -16.87
CA SER C 33 2.30 -23.17 -16.65
C SER C 33 2.23 -22.11 -17.74
N VAL C 34 1.37 -22.29 -18.75
CA VAL C 34 1.21 -21.30 -19.80
C VAL C 34 0.01 -20.40 -19.58
N LEU C 35 -0.82 -20.70 -18.57
CA LEU C 35 -2.00 -19.89 -18.26
C LEU C 35 -1.72 -18.86 -17.18
N TYR C 36 -1.21 -19.29 -16.02
CA TYR C 36 -0.98 -18.37 -14.91
C TYR C 36 0.32 -17.59 -15.01
N ASN C 37 1.13 -17.89 -16.03
CA ASN C 37 2.36 -17.15 -16.22
C ASN C 37 2.34 -16.40 -17.53
N SER C 38 1.15 -16.09 -18.01
CA SER C 38 1.02 -15.31 -19.24
C SER C 38 0.32 -14.02 -18.92
N ALA C 39 1.02 -12.90 -19.05
CA ALA C 39 0.43 -11.59 -18.74
C ALA C 39 -0.43 -11.08 -19.88
N SER C 40 -1.58 -11.70 -20.08
CA SER C 40 -2.45 -11.28 -21.18
C SER C 40 -3.91 -11.45 -20.80
N PHE C 41 -4.17 -11.77 -19.54
CA PHE C 41 -5.54 -11.99 -19.11
C PHE C 41 -6.02 -10.95 -18.12
N SER C 42 -7.33 -10.90 -17.88
CA SER C 42 -7.91 -9.94 -16.95
C SER C 42 -8.38 -10.58 -15.66
N THR C 43 -8.94 -11.78 -15.72
CA THR C 43 -9.40 -12.52 -14.55
C THR C 43 -8.84 -13.93 -14.58
N PHE C 44 -8.34 -14.36 -13.42
CA PHE C 44 -7.79 -15.70 -13.29
C PHE C 44 -8.24 -16.33 -11.98
N LYS C 45 -9.52 -16.20 -11.70
CA LYS C 45 -10.05 -16.71 -10.45
C LYS C 45 -10.32 -18.18 -10.44
N CYS C 46 -9.34 -18.99 -10.13
CA CYS C 46 -9.52 -20.43 -9.98
C CYS C 46 -10.25 -20.70 -8.66
N TYR C 47 -11.34 -21.45 -8.73
CA TYR C 47 -12.22 -21.66 -7.57
C TYR C 47 -11.91 -22.99 -6.91
N GLY C 48 -11.06 -22.94 -5.88
CA GLY C 48 -10.82 -24.07 -5.02
C GLY C 48 -9.93 -25.15 -5.59
N VAL C 49 -8.89 -24.76 -6.34
CA VAL C 49 -7.96 -25.73 -6.90
C VAL C 49 -6.53 -25.31 -6.63
N SER C 50 -6.34 -24.09 -6.10
CA SER C 50 -5.02 -23.54 -5.82
C SER C 50 -4.14 -23.60 -7.06
N PRO C 51 -4.34 -22.69 -8.02
CA PRO C 51 -3.70 -22.81 -9.35
C PRO C 51 -2.19 -23.06 -9.30
N THR C 52 -1.53 -22.67 -8.22
CA THR C 52 -0.11 -22.98 -8.09
C THR C 52 0.12 -24.47 -7.98
N LYS C 53 -0.79 -25.18 -7.32
CA LYS C 53 -0.71 -26.63 -7.17
C LYS C 53 -1.56 -27.40 -8.18
N LEU C 54 -1.31 -27.19 -9.47
CA LEU C 54 -2.01 -27.93 -10.52
C LEU C 54 -1.11 -28.81 -11.37
N ASN C 55 0.21 -28.67 -11.27
CA ASN C 55 1.14 -29.48 -12.04
C ASN C 55 1.49 -30.79 -11.36
N ASP C 56 0.69 -31.23 -10.39
CA ASP C 56 0.93 -32.49 -9.71
C ASP C 56 -0.30 -33.39 -9.77
N LEU C 57 -1.49 -32.78 -9.71
CA LEU C 57 -2.73 -33.53 -9.80
C LEU C 57 -3.03 -33.90 -11.24
N CYS C 58 -3.68 -35.05 -11.42
CA CYS C 58 -4.09 -35.53 -12.72
C CYS C 58 -5.61 -35.65 -12.77
N PHE C 59 -6.20 -35.30 -13.90
CA PHE C 59 -7.64 -35.33 -14.11
C PHE C 59 -7.98 -36.30 -15.24
N THR C 60 -9.26 -36.31 -15.61
CA THR C 60 -9.74 -37.19 -16.67
C THR C 60 -10.11 -36.45 -17.95
N ASN C 61 -10.86 -35.36 -17.86
CA ASN C 61 -11.25 -34.59 -19.04
C ASN C 61 -11.24 -33.12 -18.70
N VAL C 62 -10.91 -32.31 -19.70
CA VAL C 62 -10.84 -30.85 -19.55
C VAL C 62 -11.80 -30.26 -20.58
N TYR C 63 -12.91 -29.70 -20.11
CA TYR C 63 -13.89 -29.08 -20.99
C TYR C 63 -13.60 -27.59 -21.09
N ALA C 64 -13.29 -27.13 -22.30
CA ALA C 64 -12.97 -25.72 -22.55
C ALA C 64 -14.13 -25.08 -23.30
N ASP C 65 -14.72 -24.05 -22.70
CA ASP C 65 -15.80 -23.30 -23.33
C ASP C 65 -15.24 -22.02 -23.94
N SER C 66 -16.02 -21.39 -24.82
CA SER C 66 -15.58 -20.15 -25.46
C SER C 66 -16.77 -19.39 -26.04
N PHE C 67 -17.01 -18.19 -25.51
CA PHE C 67 -18.05 -17.31 -26.02
C PHE C 67 -17.61 -15.86 -25.84
N VAL C 68 -18.45 -14.93 -26.29
CA VAL C 68 -18.09 -13.51 -26.38
C VAL C 68 -19.15 -12.72 -25.63
N ILE C 69 -18.72 -11.97 -24.61
CA ILE C 69 -19.59 -11.07 -23.87
C ILE C 69 -18.93 -9.69 -23.80
N ARG C 70 -19.56 -8.75 -23.09
CA ARG C 70 -19.04 -7.41 -22.97
C ARG C 70 -18.39 -7.23 -21.60
N GLY C 71 -17.77 -6.06 -21.42
CA GLY C 71 -17.02 -5.76 -20.20
C GLY C 71 -17.83 -5.87 -18.93
N ASP C 72 -19.04 -5.33 -18.93
CA ASP C 72 -19.90 -5.35 -17.74
C ASP C 72 -20.59 -6.70 -17.54
N GLU C 73 -20.19 -7.73 -18.28
CA GLU C 73 -20.74 -9.06 -18.12
C GLU C 73 -19.72 -10.10 -17.70
N VAL C 74 -18.43 -9.74 -17.67
CA VAL C 74 -17.41 -10.71 -17.30
C VAL C 74 -17.54 -11.09 -15.82
N ARG C 75 -17.86 -10.12 -14.97
CA ARG C 75 -18.00 -10.41 -13.54
C ARG C 75 -19.30 -11.14 -13.22
N GLN C 76 -20.22 -11.24 -14.19
CA GLN C 76 -21.47 -11.96 -13.93
C GLN C 76 -21.27 -13.46 -14.08
N ILE C 77 -20.23 -13.88 -14.81
CA ILE C 77 -19.96 -15.29 -14.99
C ILE C 77 -19.05 -15.77 -13.88
N ALA C 78 -19.65 -16.10 -12.72
CA ALA C 78 -18.93 -16.55 -11.54
C ALA C 78 -19.92 -17.04 -10.49
N PRO C 79 -19.55 -18.01 -9.67
CA PRO C 79 -20.46 -18.47 -8.62
C PRO C 79 -20.65 -17.43 -7.53
N GLY C 80 -21.86 -16.87 -7.44
CA GLY C 80 -22.16 -15.88 -6.42
C GLY C 80 -22.54 -14.52 -6.98
N GLN C 81 -22.61 -14.41 -8.30
CA GLN C 81 -22.96 -13.17 -8.97
C GLN C 81 -23.92 -13.46 -10.11
N THR C 82 -25.10 -12.83 -10.05
CA THR C 82 -26.13 -13.02 -11.05
C THR C 82 -26.58 -11.67 -11.59
N GLY C 83 -27.37 -11.72 -12.66
CA GLY C 83 -27.87 -10.51 -13.29
C GLY C 83 -28.63 -10.79 -14.57
N LYS C 84 -28.37 -10.01 -15.61
CA LYS C 84 -29.03 -10.22 -16.90
C LYS C 84 -28.63 -11.57 -17.48
N ILE C 85 -27.33 -11.77 -17.73
CA ILE C 85 -26.84 -13.04 -18.22
C ILE C 85 -26.49 -13.92 -17.03
N ALA C 86 -27.51 -14.55 -16.44
CA ALA C 86 -27.30 -15.48 -15.33
C ALA C 86 -28.07 -16.78 -15.59
N ASP C 87 -29.26 -16.65 -16.17
CA ASP C 87 -30.11 -17.80 -16.44
C ASP C 87 -30.68 -17.82 -17.84
N TYR C 88 -30.05 -17.10 -18.78
CA TYR C 88 -30.53 -17.07 -20.16
C TYR C 88 -29.55 -17.76 -21.09
N ASN C 89 -28.26 -17.41 -21.04
CA ASN C 89 -27.28 -18.00 -21.94
C ASN C 89 -26.47 -19.09 -21.24
N TYR C 90 -25.81 -18.73 -20.14
CA TYR C 90 -24.93 -19.65 -19.44
C TYR C 90 -25.14 -19.52 -17.94
N LYS C 91 -25.17 -20.65 -17.25
CA LYS C 91 -25.30 -20.70 -15.79
C LYS C 91 -24.33 -21.73 -15.25
N LEU C 92 -23.48 -21.32 -14.32
CA LEU C 92 -22.49 -22.21 -13.76
C LEU C 92 -22.98 -22.79 -12.44
N PRO C 93 -22.67 -24.05 -12.15
CA PRO C 93 -23.01 -24.61 -10.83
C PRO C 93 -22.17 -23.98 -9.74
N ASP C 94 -22.57 -24.15 -8.48
CA ASP C 94 -21.84 -23.54 -7.37
C ASP C 94 -20.79 -24.50 -6.83
N ASP C 95 -20.02 -25.08 -7.75
CA ASP C 95 -18.80 -25.79 -7.38
C ASP C 95 -17.61 -25.31 -8.21
N PHE C 96 -17.83 -25.17 -9.51
CA PHE C 96 -16.89 -24.58 -10.47
C PHE C 96 -15.44 -24.98 -10.22
N THR C 97 -15.11 -26.26 -10.34
CA THR C 97 -13.76 -26.73 -10.11
C THR C 97 -12.76 -26.30 -11.19
N GLY C 98 -13.16 -25.40 -12.10
CA GLY C 98 -12.27 -24.93 -13.14
C GLY C 98 -11.66 -23.58 -12.85
N CYS C 99 -11.34 -22.82 -13.90
CA CYS C 99 -10.71 -21.51 -13.77
C CYS C 99 -11.33 -20.59 -14.82
N VAL C 100 -12.05 -19.57 -14.36
CA VAL C 100 -12.64 -18.60 -15.29
C VAL C 100 -11.55 -17.67 -15.79
N ILE C 101 -11.40 -17.60 -17.12
CA ILE C 101 -10.36 -16.80 -17.75
C ILE C 101 -11.01 -15.95 -18.84
N ALA C 102 -10.57 -14.68 -18.93
CA ALA C 102 -11.11 -13.78 -19.93
C ALA C 102 -10.04 -12.75 -20.29
N TRP C 103 -10.19 -12.16 -21.48
CA TRP C 103 -9.30 -11.11 -21.94
C TRP C 103 -10.06 -10.22 -22.91
N ASN C 104 -9.65 -8.94 -22.97
CA ASN C 104 -10.33 -7.94 -23.79
C ASN C 104 -9.75 -7.98 -25.21
N SER C 105 -10.54 -8.46 -26.15
CA SER C 105 -10.18 -8.51 -27.56
C SER C 105 -10.95 -7.41 -28.28
N ASN C 106 -10.39 -6.19 -28.27
CA ASN C 106 -11.00 -5.05 -28.92
C ASN C 106 -10.32 -4.68 -30.23
N ASN C 107 -9.82 -5.67 -30.98
CA ASN C 107 -9.16 -5.41 -32.25
C ASN C 107 -9.59 -6.40 -33.33
N LEU C 108 -10.52 -7.31 -33.01
CA LEU C 108 -10.96 -8.30 -33.98
C LEU C 108 -12.48 -8.29 -34.11
N ASP C 109 -13.17 -7.88 -33.05
CA ASP C 109 -14.62 -7.86 -33.02
C ASP C 109 -15.18 -6.47 -32.76
N SER C 110 -14.43 -5.43 -33.15
CA SER C 110 -14.82 -4.05 -32.91
C SER C 110 -14.65 -3.24 -34.20
N LYS C 111 -15.15 -3.80 -35.31
CA LYS C 111 -15.11 -3.13 -36.59
C LYS C 111 -16.22 -2.08 -36.67
N VAL C 112 -16.31 -1.41 -37.82
CA VAL C 112 -17.34 -0.42 -38.07
C VAL C 112 -18.69 -1.13 -38.09
N GLY C 113 -19.53 -0.83 -37.10
CA GLY C 113 -20.81 -1.52 -36.95
C GLY C 113 -20.66 -2.81 -36.17
N GLY C 114 -19.71 -3.64 -36.58
CA GLY C 114 -19.39 -4.87 -35.89
C GLY C 114 -20.20 -6.04 -36.42
N ASN C 115 -19.72 -7.24 -36.09
CA ASN C 115 -20.41 -8.47 -36.46
C ASN C 115 -21.73 -8.57 -35.70
N TYR C 116 -22.77 -8.99 -36.41
CA TYR C 116 -24.12 -9.09 -35.83
C TYR C 116 -24.52 -10.52 -35.53
N ASN C 117 -23.56 -11.43 -35.41
CA ASN C 117 -23.86 -12.80 -35.00
C ASN C 117 -23.82 -12.99 -33.49
N TYR C 118 -23.28 -12.02 -32.76
CA TYR C 118 -23.20 -12.09 -31.30
C TYR C 118 -24.57 -11.74 -30.74
N LEU C 119 -25.38 -12.77 -30.47
CA LEU C 119 -26.76 -12.60 -30.03
C LEU C 119 -26.93 -13.20 -28.64
N TYR C 120 -27.06 -12.35 -27.63
CA TYR C 120 -27.29 -12.83 -26.27
C TYR C 120 -28.76 -13.16 -26.08
N ARG C 121 -29.04 -14.19 -25.28
CA ARG C 121 -30.40 -14.61 -25.03
C ARG C 121 -31.12 -13.59 -24.17
N LEU C 122 -32.27 -13.14 -24.64
CA LEU C 122 -33.10 -12.17 -23.94
C LEU C 122 -34.05 -12.92 -22.99
N PHE C 123 -35.08 -12.29 -22.43
CA PHE C 123 -36.02 -12.97 -21.54
C PHE C 123 -36.57 -14.25 -22.14
N ARG C 124 -36.48 -15.35 -21.40
CA ARG C 124 -36.94 -16.65 -21.85
C ARG C 124 -38.01 -17.16 -20.90
N LYS C 125 -38.97 -17.91 -21.43
CA LYS C 125 -40.09 -18.42 -20.64
C LYS C 125 -39.72 -19.76 -19.97
N SER C 126 -38.58 -19.73 -19.28
CA SER C 126 -38.08 -20.93 -18.60
C SER C 126 -37.03 -20.57 -17.56
N ASN C 127 -36.35 -21.58 -17.03
CA ASN C 127 -35.26 -21.38 -16.08
C ASN C 127 -34.00 -21.94 -16.72
N LEU C 128 -32.91 -21.99 -15.96
CA LEU C 128 -31.64 -22.49 -16.46
C LEU C 128 -31.00 -23.40 -15.43
N LYS C 129 -30.39 -24.49 -15.88
CA LYS C 129 -29.70 -25.47 -15.05
C LYS C 129 -28.20 -25.40 -15.30
N PRO C 130 -27.37 -25.87 -14.35
CA PRO C 130 -25.92 -25.86 -14.57
C PRO C 130 -25.50 -26.63 -15.81
N PHE C 131 -24.70 -25.99 -16.66
CA PHE C 131 -24.22 -26.58 -17.92
C PHE C 131 -25.40 -27.01 -18.80
N GLU C 132 -26.22 -26.02 -19.16
CA GLU C 132 -27.40 -26.25 -19.99
C GLU C 132 -27.43 -25.21 -21.11
N ARG C 133 -27.32 -25.67 -22.34
CA ARG C 133 -27.40 -24.79 -23.50
C ARG C 133 -28.78 -24.93 -24.16
N ASP C 134 -29.22 -23.84 -24.80
CA ASP C 134 -30.53 -23.81 -25.41
C ASP C 134 -30.46 -22.88 -26.63
N ILE C 135 -30.29 -23.48 -27.81
CA ILE C 135 -30.28 -22.72 -29.06
C ILE C 135 -31.69 -22.76 -29.66
N SER C 136 -32.46 -21.71 -29.42
CA SER C 136 -33.84 -21.62 -29.88
C SER C 136 -34.13 -20.21 -30.35
N THR C 137 -34.79 -20.09 -31.51
CA THR C 137 -35.20 -18.81 -32.06
C THR C 137 -36.68 -18.53 -31.88
N GLU C 138 -37.35 -19.24 -30.99
CA GLU C 138 -38.78 -19.06 -30.78
C GLU C 138 -39.07 -17.70 -30.16
N ILE C 139 -40.00 -16.97 -30.77
CA ILE C 139 -40.38 -15.64 -30.32
C ILE C 139 -41.00 -15.71 -28.93
N TYR C 140 -40.53 -14.84 -28.02
CA TYR C 140 -41.02 -14.86 -26.65
C TYR C 140 -42.46 -14.37 -26.56
N GLN C 141 -43.33 -15.20 -25.98
CA GLN C 141 -44.71 -14.80 -25.74
C GLN C 141 -44.89 -14.45 -24.28
N ALA C 142 -45.33 -13.21 -24.00
CA ALA C 142 -45.47 -12.76 -22.63
C ALA C 142 -46.73 -13.27 -21.95
N GLY C 143 -47.61 -13.97 -22.67
CA GLY C 143 -48.81 -14.50 -22.08
C GLY C 143 -50.04 -14.35 -22.97
N SER C 144 -49.93 -13.49 -23.99
CA SER C 144 -51.03 -13.28 -24.91
C SER C 144 -51.07 -14.37 -25.97
N THR C 145 -51.85 -14.16 -27.02
CA THR C 145 -51.93 -15.13 -28.11
C THR C 145 -50.58 -15.27 -28.80
N PRO C 146 -50.11 -16.49 -29.06
CA PRO C 146 -48.82 -16.66 -29.73
C PRO C 146 -48.91 -16.25 -31.20
N CYS C 147 -47.96 -15.44 -31.65
CA CYS C 147 -47.95 -15.00 -33.03
C CYS C 147 -47.63 -16.13 -33.99
N ASN C 148 -46.64 -16.97 -33.65
CA ASN C 148 -46.19 -18.06 -34.51
C ASN C 148 -45.76 -17.54 -35.87
N GLY C 149 -45.23 -16.33 -35.91
CA GLY C 149 -44.78 -15.71 -37.13
C GLY C 149 -43.54 -14.85 -36.93
N VAL C 150 -43.57 -13.64 -37.45
CA VAL C 150 -42.47 -12.68 -37.31
C VAL C 150 -43.04 -11.45 -36.59
N GLU C 151 -42.99 -11.46 -35.26
CA GLU C 151 -43.49 -10.36 -34.44
C GLU C 151 -44.94 -10.02 -34.79
N GLY C 152 -45.80 -11.03 -34.76
CA GLY C 152 -47.20 -10.84 -35.09
C GLY C 152 -47.95 -10.04 -34.04
N PHE C 153 -48.08 -10.58 -32.84
CA PHE C 153 -48.80 -9.93 -31.74
C PHE C 153 -48.05 -10.20 -30.45
N ASN C 154 -47.45 -9.15 -29.89
CA ASN C 154 -46.73 -9.23 -28.61
C ASN C 154 -45.61 -10.27 -28.66
N CYS C 155 -44.92 -10.35 -29.79
CA CYS C 155 -43.81 -11.27 -29.98
C CYS C 155 -42.50 -10.50 -30.06
N TYR C 156 -41.43 -11.10 -29.53
CA TYR C 156 -40.11 -10.47 -29.53
C TYR C 156 -39.08 -11.52 -29.89
N PHE C 157 -38.23 -11.22 -30.86
CA PHE C 157 -37.14 -12.12 -31.20
C PHE C 157 -36.11 -12.11 -30.08
N PRO C 158 -35.88 -13.24 -29.39
CA PRO C 158 -35.04 -13.24 -28.19
C PRO C 158 -33.55 -13.11 -28.45
N LEU C 159 -33.10 -13.09 -29.70
CA LEU C 159 -31.69 -12.99 -30.01
C LEU C 159 -31.35 -11.54 -30.34
N GLN C 160 -31.30 -10.72 -29.30
CA GLN C 160 -30.95 -9.31 -29.46
C GLN C 160 -29.48 -9.17 -29.83
N SER C 161 -29.20 -8.38 -30.86
CA SER C 161 -27.84 -8.21 -31.34
C SER C 161 -27.04 -7.30 -30.40
N TYR C 162 -25.73 -7.33 -30.55
CA TYR C 162 -24.82 -6.48 -29.79
C TYR C 162 -24.32 -5.33 -30.65
N GLY C 163 -24.22 -4.16 -30.03
CA GLY C 163 -23.64 -3.01 -30.69
C GLY C 163 -22.16 -2.88 -30.41
N PHE C 164 -21.32 -3.36 -31.33
CA PHE C 164 -19.87 -3.39 -31.14
C PHE C 164 -19.23 -2.45 -32.16
N GLN C 165 -18.82 -1.28 -31.67
CA GLN C 165 -18.13 -0.29 -32.50
C GLN C 165 -16.85 0.14 -31.78
N PRO C 166 -15.82 0.60 -32.51
CA PRO C 166 -14.59 1.02 -31.84
C PRO C 166 -14.67 2.43 -31.28
N THR C 167 -15.81 2.76 -30.66
CA THR C 167 -15.99 4.05 -30.03
C THR C 167 -16.73 3.97 -28.70
N ASN C 168 -17.08 2.79 -28.22
CA ASN C 168 -17.87 2.65 -27.00
C ASN C 168 -16.97 2.68 -25.77
N GLY C 169 -17.59 2.63 -24.60
CA GLY C 169 -16.85 2.58 -23.35
C GLY C 169 -16.29 1.21 -23.06
N VAL C 170 -15.43 1.16 -22.04
CA VAL C 170 -14.79 -0.09 -21.65
C VAL C 170 -15.83 -1.10 -21.17
N GLY C 171 -16.92 -0.61 -20.59
CA GLY C 171 -17.97 -1.47 -20.09
C GLY C 171 -18.84 -2.08 -21.18
N TYR C 172 -18.52 -1.79 -22.44
CA TYR C 172 -19.29 -2.35 -23.55
C TYR C 172 -18.36 -2.80 -24.68
N GLN C 173 -17.16 -3.24 -24.33
CA GLN C 173 -16.26 -3.70 -25.38
C GLN C 173 -16.32 -5.22 -25.51
N PRO C 174 -16.15 -5.75 -26.71
CA PRO C 174 -16.23 -7.21 -26.91
C PRO C 174 -15.12 -7.96 -26.20
N TYR C 175 -15.49 -8.76 -25.20
CA TYR C 175 -14.52 -9.58 -24.47
C TYR C 175 -14.58 -11.03 -24.95
N ARG C 176 -13.58 -11.83 -24.57
CA ARG C 176 -13.60 -13.25 -24.88
C ARG C 176 -13.22 -14.04 -23.64
N VAL C 177 -14.14 -14.88 -23.16
CA VAL C 177 -13.99 -15.57 -21.88
C VAL C 177 -13.93 -17.07 -22.14
N VAL C 178 -12.94 -17.73 -21.54
CA VAL C 178 -12.79 -19.19 -21.61
C VAL C 178 -12.88 -19.74 -20.20
N VAL C 179 -13.76 -20.71 -20.00
CA VAL C 179 -13.98 -21.29 -18.68
C VAL C 179 -13.71 -22.78 -18.71
N LEU C 180 -12.54 -23.18 -18.22
CA LEU C 180 -12.21 -24.61 -18.13
C LEU C 180 -13.07 -25.28 -17.07
N SER C 181 -13.26 -26.59 -17.21
CA SER C 181 -14.10 -27.37 -16.30
C SER C 181 -13.41 -28.71 -16.04
N PHE C 182 -12.65 -28.80 -14.96
CA PHE C 182 -12.02 -30.06 -14.60
C PHE C 182 -13.04 -30.99 -13.96
N GLU C 183 -12.73 -32.28 -13.97
CA GLU C 183 -13.60 -33.30 -13.40
C GLU C 183 -12.75 -34.49 -12.96
N LEU C 184 -13.39 -35.44 -12.27
CA LEU C 184 -12.73 -36.68 -11.85
C LEU C 184 -13.77 -37.79 -11.98
N LEU C 185 -13.77 -38.47 -13.12
CA LEU C 185 -14.72 -39.53 -13.40
C LEU C 185 -14.20 -40.85 -12.85
N HIS C 186 -14.97 -41.93 -13.05
CA HIS C 186 -14.59 -43.26 -12.60
C HIS C 186 -13.78 -43.91 -13.71
N ALA C 187 -12.59 -43.38 -13.93
CA ALA C 187 -11.70 -43.85 -14.99
C ALA C 187 -10.28 -43.43 -14.64
N PRO C 188 -9.27 -44.14 -15.13
CA PRO C 188 -7.89 -43.74 -14.87
C PRO C 188 -7.60 -42.36 -15.44
N ALA C 189 -6.89 -41.55 -14.65
CA ALA C 189 -6.55 -40.21 -15.07
C ALA C 189 -5.63 -40.24 -16.28
N THR C 190 -6.13 -39.76 -17.42
CA THR C 190 -5.38 -39.81 -18.68
C THR C 190 -4.69 -38.50 -19.02
N VAL C 191 -4.97 -37.42 -18.31
CA VAL C 191 -4.37 -36.12 -18.56
C VAL C 191 -3.78 -35.60 -17.26
N CYS C 192 -2.49 -35.23 -17.29
CA CYS C 192 -1.84 -34.65 -16.12
C CYS C 192 -0.98 -33.46 -16.53
N GLY C 193 -0.16 -32.97 -15.60
CA GLY C 193 0.68 -31.83 -15.88
C GLY C 193 2.14 -31.98 -15.48
N PRO C 194 2.78 -33.12 -15.81
CA PRO C 194 4.18 -33.25 -15.38
C PRO C 194 5.11 -32.26 -16.10
C1 NAG D . -0.84 -17.51 -28.59
C2 NAG D . -0.24 -18.53 -27.61
C3 NAG D . 0.72 -17.84 -26.65
C4 NAG D . 1.76 -17.04 -27.43
C5 NAG D . 1.08 -16.08 -28.40
C6 NAG D . 2.05 -15.34 -29.29
C7 NAG D . -1.15 -20.49 -26.45
C8 NAG D . -2.32 -21.05 -25.70
N2 NAG D . -1.27 -19.23 -26.88
O3 NAG D . 1.37 -18.81 -25.84
O4 NAG D . 2.58 -16.29 -26.53
O5 NAG D . 0.20 -16.82 -29.28
O6 NAG D . 3.23 -15.00 -28.59
O7 NAG D . -0.14 -21.15 -26.66
#